data_6VRM
#
_entry.id   6VRM
#
_cell.length_a   89.405
_cell.length_b   120.608
_cell.length_c   119.693
_cell.angle_alpha   90.000
_cell.angle_beta   108.380
_cell.angle_gamma   90.000
#
_symmetry.space_group_name_H-M   'C 1 2 1'
#
loop_
_entity.id
_entity.type
_entity.pdbx_description
1 polymer 'MHC class I antigen'
2 polymer Beta-2-microglobulin
3 polymer 'T-cell receptor 12-6, alfa chain'
4 polymer 'TCR 12-6, beta chain'
5 polymer 'Cellular tumor antigen p53 peptide'
6 water water
#
loop_
_entity_poly.entity_id
_entity_poly.type
_entity_poly.pdbx_seq_one_letter_code
_entity_poly.pdbx_strand_id
1 'polypeptide(L)'
;MGSHSMRYFFTSVSRPGRGEPRFIAVGYVDDTQFVRFDSDAASQRMEPRAPWIEQEGPEYWDGETRKVKAHSQTHRVDLG
TLRGYYNQSEAGSHTVQRMYGCDVGSDWRFLRGYHQYAYDGKDYIALKEDLRSWTAADMAAQTTKHKWEAAHVAEQLRAY
LEGTCVEWLRRYLENGKETLQRTDAPKTHMTHHAVSDHEATLRCWALSFYPAEITLTWQRDGEDQTQDTELVETRPAGDG
TFQKWAAVVVPSGQEQRYTCHVQHEGLPKPLTLRWEGGGLNDIFEAQKIEWHE
;
A
2 'polypeptide(L)'
;MIQRTPKIQVYSRHPAENGKSNFLNCYVSGFHPSDIEVDLLKNGERIEKVEHSDLSFSKDWSFYLLYYTEFTPTEKDEYA
CRVNHVTLSQPKIVKWDRDM
;
B
3 'polypeptide(L)'
;MRKEVEQDPGPFNVPEGATVAFNCTYSNSASQSFFWYRQDCRKEPKLLMSVYSSGNEDGRFTAQLNRASQYISLLIRDSK
LSDSATYLCVVQPGGYQKVTFGTGTKLQVIPNIQNPDPAVYQLRDSKSSDKSVCLFTDFDSQTNVSQSKDSDVYITDKCV
LDMRSMDFKSNSAVAWSNKSDFACANAFNNSIIPEDTFFPSPESS
;
D
4 'polypeptide(L)'
;MNAGVTQTPKFQVLKTGQSMTLQCAQDMNHNSMYWYRQDPGMGLRLIYYSASEGTTDKGEVPNGYNVSRLNKREFSLRLE
SAAPSQTSVYFCASSEGLWQVGDEQYFGPGTRLTVTEDLKNVFPPEVAVFEPSEAEISHTQKATLVCLATGFYPDHVELS
WWVNGKEVHSGVCTDPQPLKEQPALNDSRYALSSRLRVSATFWQNPRNHFRCQVQFYGLSENDEWTQDRAKPVTQIVSAE
AWGRAD
;
E
5 'polypeptide(L)' HMTEVVRHC P
#
# COMPACT_ATOMS: atom_id res chain seq x y z
N SER A 3 -26.94 2.49 21.61
CA SER A 3 -28.08 1.62 21.18
C SER A 3 -27.67 0.66 20.04
N HIS A 4 -26.63 0.97 19.24
CA HIS A 4 -26.33 0.24 18.01
C HIS A 4 -24.84 0.17 17.64
N SER A 5 -24.42 -0.92 16.98
CA SER A 5 -23.05 -0.97 16.47
C SER A 5 -22.95 -1.72 15.15
N MET A 6 -21.82 -1.54 14.46
CA MET A 6 -21.43 -2.41 13.36
C MET A 6 -20.05 -2.99 13.64
N ARG A 7 -19.97 -4.33 13.60
CA ARG A 7 -18.68 -4.96 13.77
C ARG A 7 -18.38 -5.88 12.59
N TYR A 8 -17.08 -5.91 12.23
CA TYR A 8 -16.52 -6.91 11.35
C TYR A 8 -15.49 -7.75 12.12
N PHE A 9 -15.68 -9.08 12.18
CA PHE A 9 -14.69 -10.04 12.68
C PHE A 9 -13.97 -10.88 11.62
N PHE A 10 -12.61 -10.86 11.64
CA PHE A 10 -11.78 -11.57 10.67
C PHE A 10 -10.85 -12.58 11.33
N THR A 11 -10.67 -13.76 10.74
CA THR A 11 -9.85 -14.81 11.32
C THR A 11 -9.04 -15.48 10.22
N SER A 12 -7.79 -15.76 10.52
CA SER A 12 -6.83 -16.16 9.51
C SER A 12 -5.92 -17.23 10.09
N VAL A 13 -5.88 -18.41 9.45
CA VAL A 13 -5.24 -19.57 10.07
C VAL A 13 -4.22 -20.14 9.09
N SER A 14 -2.94 -19.98 9.40
CA SER A 14 -1.91 -20.58 8.56
C SER A 14 -2.06 -22.09 8.61
N ARG A 15 -2.05 -22.74 7.46
CA ARG A 15 -2.07 -24.21 7.49
C ARG A 15 -0.92 -24.76 6.65
N PRO A 16 0.32 -24.82 7.19
CA PRO A 16 1.52 -24.95 6.36
C PRO A 16 1.49 -26.36 5.80
N GLY A 17 1.78 -26.44 4.49
CA GLY A 17 1.78 -27.67 3.74
C GLY A 17 0.41 -28.01 3.17
N ARG A 18 -0.63 -27.30 3.59
CA ARG A 18 -1.95 -27.63 3.09
C ARG A 18 -2.57 -26.47 2.30
N GLY A 19 -1.73 -25.68 1.61
CA GLY A 19 -2.27 -24.57 0.84
C GLY A 19 -2.21 -23.20 1.55
N GLU A 20 -2.83 -22.20 0.94
CA GLU A 20 -2.93 -20.86 1.53
C GLU A 20 -3.72 -20.91 2.85
N PRO A 21 -3.55 -19.93 3.76
CA PRO A 21 -4.23 -19.96 5.07
C PRO A 21 -5.75 -19.90 4.93
N ARG A 22 -6.46 -20.34 5.97
CA ARG A 22 -7.91 -20.23 6.02
C ARG A 22 -8.30 -18.82 6.50
N PHE A 23 -9.26 -18.22 5.78
CA PHE A 23 -9.73 -16.88 6.08
C PHE A 23 -11.25 -16.83 6.19
N ILE A 24 -11.76 -16.55 7.40
CA ILE A 24 -13.20 -16.35 7.54
C ILE A 24 -13.48 -14.93 8.04
N ALA A 25 -14.40 -14.25 7.36
CA ALA A 25 -14.79 -12.89 7.66
C ALA A 25 -16.29 -12.84 7.85
N VAL A 26 -16.74 -12.20 8.93
CA VAL A 26 -18.17 -12.07 9.18
C VAL A 26 -18.45 -10.62 9.59
N GLY A 27 -19.63 -10.08 9.23
CA GLY A 27 -19.99 -8.70 9.54
C GLY A 27 -21.30 -8.64 10.32
N TYR A 28 -21.33 -7.87 11.42
CA TYR A 28 -22.55 -7.82 12.24
C TYR A 28 -23.06 -6.37 12.35
N VAL A 29 -24.39 -6.26 12.38
CA VAL A 29 -25.08 -5.10 12.94
C VAL A 29 -25.74 -5.57 14.23
N ASP A 30 -25.27 -5.04 15.37
CA ASP A 30 -25.72 -5.53 16.67
C ASP A 30 -25.43 -7.03 16.73
N ASP A 31 -26.46 -7.87 16.94
CA ASP A 31 -26.29 -9.31 17.13
C ASP A 31 -26.92 -10.10 15.98
N THR A 32 -26.97 -9.47 14.79
CA THR A 32 -27.43 -10.02 13.53
C THR A 32 -26.28 -10.01 12.49
N GLN A 33 -25.99 -11.20 11.94
CA GLN A 33 -24.97 -11.30 10.91
C GLN A 33 -25.60 -10.96 9.56
N PHE A 34 -24.97 -10.06 8.81
CA PHE A 34 -25.53 -9.68 7.53
C PHE A 34 -24.65 -10.13 6.33
N VAL A 35 -23.34 -10.33 6.54
CA VAL A 35 -22.45 -10.71 5.45
C VAL A 35 -21.48 -11.78 5.91
N ARG A 36 -20.83 -12.45 4.94
CA ARG A 36 -19.79 -13.44 5.25
C ARG A 36 -18.80 -13.54 4.10
N PHE A 37 -17.61 -14.07 4.38
CA PHE A 37 -16.68 -14.54 3.37
C PHE A 37 -15.90 -15.73 3.93
N ASP A 38 -15.85 -16.84 3.16
CA ASP A 38 -15.08 -18.02 3.51
C ASP A 38 -14.14 -18.37 2.34
N SER A 39 -12.85 -18.16 2.55
CA SER A 39 -11.83 -18.60 1.59
C SER A 39 -12.04 -20.04 1.12
N ASP A 40 -12.72 -20.92 1.88
CA ASP A 40 -12.85 -22.32 1.49
C ASP A 40 -14.17 -22.61 0.77
N ALA A 41 -15.11 -21.65 0.78
CA ALA A 41 -16.34 -21.79 0.00
C ALA A 41 -16.01 -21.56 -1.48
N ALA A 42 -17.06 -21.43 -2.29
CA ALA A 42 -16.87 -21.65 -3.71
C ALA A 42 -16.88 -20.31 -4.42
N SER A 43 -17.80 -19.41 -4.07
CA SER A 43 -17.91 -18.17 -4.81
C SER A 43 -16.64 -17.30 -4.80
N GLN A 44 -15.92 -17.26 -3.66
CA GLN A 44 -14.85 -16.30 -3.42
C GLN A 44 -15.34 -14.86 -3.42
N ARG A 45 -16.58 -14.65 -2.97
CA ARG A 45 -17.17 -13.32 -2.88
C ARG A 45 -17.81 -13.11 -1.51
N MET A 46 -17.96 -11.85 -1.13
CA MET A 46 -18.76 -11.48 0.00
C MET A 46 -20.23 -11.87 -0.26
N GLU A 47 -20.77 -12.78 0.57
CA GLU A 47 -22.13 -13.28 0.41
C GLU A 47 -23.08 -12.61 1.41
N PRO A 48 -24.37 -12.42 1.06
CA PRO A 48 -25.35 -11.85 1.99
C PRO A 48 -25.80 -12.90 3.02
N ARG A 49 -26.20 -12.41 4.18
CA ARG A 49 -26.57 -13.30 5.27
C ARG A 49 -27.79 -12.77 6.03
N ALA A 50 -28.41 -11.70 5.52
CA ALA A 50 -29.66 -11.15 6.00
C ALA A 50 -30.38 -10.50 4.82
N PRO A 51 -31.73 -10.66 4.72
CA PRO A 51 -32.48 -10.20 3.57
C PRO A 51 -32.30 -8.74 3.19
N TRP A 52 -32.11 -7.87 4.17
CA TRP A 52 -32.09 -6.43 3.93
C TRP A 52 -30.81 -5.97 3.23
N ILE A 53 -29.83 -6.87 3.09
CA ILE A 53 -28.58 -6.50 2.46
C ILE A 53 -28.61 -6.96 0.99
N GLU A 54 -29.53 -7.88 0.67
CA GLU A 54 -29.56 -8.41 -0.69
C GLU A 54 -29.90 -7.31 -1.70
N GLN A 55 -30.39 -6.17 -1.19
CA GLN A 55 -30.90 -5.13 -2.06
C GLN A 55 -29.76 -4.23 -2.55
N GLU A 56 -28.51 -4.53 -2.14
CA GLU A 56 -27.38 -3.69 -2.49
C GLU A 56 -26.85 -4.02 -3.89
N GLY A 57 -26.35 -2.98 -4.57
CA GLY A 57 -26.09 -3.06 -6.00
C GLY A 57 -24.79 -3.80 -6.29
N PRO A 58 -24.53 -4.18 -7.55
CA PRO A 58 -23.27 -4.82 -7.92
C PRO A 58 -22.05 -4.03 -7.45
N GLU A 59 -22.17 -2.70 -7.39
CA GLU A 59 -21.00 -1.88 -7.09
C GLU A 59 -20.59 -2.16 -5.64
N TYR A 60 -21.61 -2.41 -4.81
CA TYR A 60 -21.44 -2.70 -3.41
C TYR A 60 -20.69 -4.04 -3.29
N TRP A 61 -21.20 -5.05 -3.99
CA TRP A 61 -20.71 -6.41 -3.80
C TRP A 61 -19.29 -6.51 -4.34
N ASP A 62 -19.05 -5.78 -5.43
CA ASP A 62 -17.73 -5.68 -6.01
C ASP A 62 -16.80 -5.20 -4.91
N GLY A 63 -17.03 -3.98 -4.39
CA GLY A 63 -16.11 -3.35 -3.47
C GLY A 63 -15.95 -4.15 -2.16
N GLU A 64 -17.06 -4.68 -1.66
CA GLU A 64 -16.93 -5.47 -0.46
C GLU A 64 -16.00 -6.66 -0.72
N THR A 65 -16.13 -7.27 -1.92
CA THR A 65 -15.29 -8.41 -2.25
C THR A 65 -13.82 -7.99 -2.35
N ARG A 66 -13.60 -6.87 -3.03
CA ARG A 66 -12.28 -6.28 -3.24
C ARG A 66 -11.68 -6.06 -1.85
N LYS A 67 -12.46 -5.43 -0.97
CA LYS A 67 -11.87 -5.06 0.31
C LYS A 67 -11.51 -6.31 1.13
N VAL A 68 -12.38 -7.32 1.10
CA VAL A 68 -12.10 -8.49 1.92
C VAL A 68 -10.91 -9.29 1.37
N LYS A 69 -10.78 -9.34 0.04
CA LYS A 69 -9.64 -10.01 -0.54
C LYS A 69 -8.37 -9.31 -0.06
N ALA A 70 -8.47 -7.98 0.06
CA ALA A 70 -7.39 -7.11 0.47
C ALA A 70 -7.12 -7.38 1.93
N HIS A 71 -8.17 -7.64 2.71
CA HIS A 71 -7.95 -8.10 4.07
C HIS A 71 -7.24 -9.45 4.13
N SER A 72 -7.60 -10.43 3.27
CA SER A 72 -6.96 -11.76 3.31
C SER A 72 -5.46 -11.65 3.03
N GLN A 73 -5.12 -10.94 1.96
CA GLN A 73 -3.74 -10.79 1.56
C GLN A 73 -2.95 -10.19 2.70
N THR A 74 -3.51 -9.16 3.33
CA THR A 74 -2.84 -8.50 4.44
C THR A 74 -2.61 -9.51 5.56
N HIS A 75 -3.65 -10.27 5.88
CA HIS A 75 -3.54 -11.34 6.86
C HIS A 75 -2.51 -12.37 6.41
N ARG A 76 -2.46 -12.67 5.11
CA ARG A 76 -1.61 -13.73 4.59
C ARG A 76 -0.13 -13.34 4.75
N VAL A 77 0.19 -12.09 4.41
CA VAL A 77 1.51 -11.55 4.67
C VAL A 77 1.77 -11.46 6.18
N ASP A 78 0.76 -11.02 6.95
CA ASP A 78 0.92 -10.87 8.39
C ASP A 78 1.44 -12.16 9.02
N LEU A 79 0.85 -13.30 8.63
CA LEU A 79 1.33 -14.57 9.14
C LEU A 79 2.85 -14.73 8.94
N GLY A 80 3.34 -14.48 7.73
CA GLY A 80 4.78 -14.45 7.45
C GLY A 80 5.54 -13.60 8.46
N THR A 81 5.12 -12.34 8.62
CA THR A 81 6.01 -11.41 9.31
C THR A 81 6.01 -11.72 10.81
N LEU A 82 4.84 -12.11 11.31
CA LEU A 82 4.68 -12.41 12.71
C LEU A 82 5.51 -13.64 13.08
N ARG A 83 5.54 -14.60 12.18
CA ARG A 83 6.39 -15.77 12.34
C ARG A 83 7.82 -15.25 12.53
N GLY A 84 8.28 -14.50 11.51
CA GLY A 84 9.57 -13.83 11.57
C GLY A 84 9.81 -13.13 12.91
N TYR A 85 8.85 -12.34 13.38
CA TYR A 85 9.07 -11.48 14.53
C TYR A 85 9.37 -12.31 15.77
N TYR A 86 8.84 -13.56 15.81
CA TYR A 86 8.89 -14.35 17.02
C TYR A 86 9.81 -15.57 16.82
N ASN A 87 10.50 -15.59 15.68
CA ASN A 87 11.53 -16.58 15.35
C ASN A 87 10.95 -18.01 15.27
N GLN A 88 9.62 -18.11 15.25
CA GLN A 88 8.88 -19.35 15.09
C GLN A 88 9.20 -20.03 13.76
N SER A 89 8.61 -21.23 13.56
CA SER A 89 8.99 -22.15 12.50
C SER A 89 7.90 -22.19 11.44
N GLU A 90 8.25 -22.68 10.23
CA GLU A 90 7.36 -22.64 9.08
C GLU A 90 6.20 -23.63 9.24
N ALA A 91 6.33 -24.54 10.21
CA ALA A 91 5.56 -25.77 10.27
C ALA A 91 4.28 -25.59 11.09
N GLY A 92 4.35 -24.76 12.13
CA GLY A 92 3.24 -24.63 13.06
C GLY A 92 2.15 -23.72 12.52
N SER A 93 0.90 -24.06 12.87
CA SER A 93 -0.26 -23.26 12.50
C SER A 93 -0.50 -22.19 13.55
N HIS A 94 -0.59 -20.93 13.09
CA HIS A 94 -0.90 -19.79 13.91
C HIS A 94 -2.18 -19.09 13.45
N THR A 95 -2.74 -18.25 14.34
CA THR A 95 -3.97 -17.55 14.09
C THR A 95 -3.71 -16.06 14.20
N VAL A 96 -4.39 -15.28 13.33
CA VAL A 96 -4.51 -13.83 13.41
C VAL A 96 -5.96 -13.39 13.38
N GLN A 97 -6.34 -12.48 14.30
CA GLN A 97 -7.72 -12.05 14.38
C GLN A 97 -7.74 -10.53 14.33
N ARG A 98 -8.78 -9.98 13.69
CA ARG A 98 -8.99 -8.56 13.57
C ARG A 98 -10.45 -8.31 13.79
N MET A 99 -10.70 -7.35 14.68
CA MET A 99 -12.08 -6.93 14.93
C MET A 99 -12.10 -5.40 14.84
N TYR A 100 -13.12 -4.84 14.19
CA TYR A 100 -13.21 -3.39 14.09
C TYR A 100 -14.65 -2.97 13.84
N GLY A 101 -15.00 -1.78 14.34
CA GLY A 101 -16.37 -1.30 14.29
C GLY A 101 -16.58 0.07 14.94
N CYS A 102 -17.86 0.43 15.04
CA CYS A 102 -18.30 1.73 15.52
C CYS A 102 -19.63 1.52 16.26
N ASP A 103 -19.77 2.18 17.44
CA ASP A 103 -21.03 2.18 18.16
C ASP A 103 -21.75 3.52 17.94
N VAL A 104 -23.09 3.52 18.10
CA VAL A 104 -23.90 4.73 18.09
C VAL A 104 -24.98 4.65 19.17
N GLY A 105 -25.42 5.84 19.63
CA GLY A 105 -26.45 6.00 20.65
C GLY A 105 -27.85 5.94 20.05
N SER A 106 -28.91 6.05 20.89
CA SER A 106 -30.27 6.02 20.36
C SER A 106 -30.43 7.16 19.36
N ASP A 107 -29.43 8.08 19.34
CA ASP A 107 -29.49 9.24 18.48
C ASP A 107 -28.75 9.01 17.16
N TRP A 108 -28.22 7.77 16.96
CA TRP A 108 -27.53 7.32 15.75
C TRP A 108 -26.29 8.16 15.40
N ARG A 109 -25.72 8.86 16.39
CA ARG A 109 -24.43 9.52 16.15
C ARG A 109 -23.28 8.78 16.85
N PHE A 110 -22.05 9.10 16.44
CA PHE A 110 -20.85 8.43 16.87
C PHE A 110 -20.66 8.51 18.39
N LEU A 111 -20.15 7.42 18.98
CA LEU A 111 -19.77 7.33 20.38
C LEU A 111 -18.30 6.93 20.45
N ARG A 112 -17.92 5.91 19.66
CA ARG A 112 -16.78 5.04 19.95
C ARG A 112 -16.43 4.16 18.76
N GLY A 113 -15.16 4.26 18.36
CA GLY A 113 -14.54 3.38 17.37
C GLY A 113 -13.44 2.50 17.95
N TYR A 114 -13.18 1.35 17.30
CA TYR A 114 -12.25 0.33 17.81
C TYR A 114 -11.68 -0.50 16.66
N HIS A 115 -10.39 -0.83 16.79
CA HIS A 115 -9.71 -1.75 15.90
C HIS A 115 -8.66 -2.54 16.66
N GLN A 116 -8.95 -3.83 16.91
CA GLN A 116 -8.11 -4.70 17.72
C GLN A 116 -7.57 -5.84 16.85
N TYR A 117 -6.33 -6.26 17.16
CA TYR A 117 -5.57 -7.23 16.38
C TYR A 117 -4.91 -8.25 17.31
N ALA A 118 -5.23 -9.54 17.17
CA ALA A 118 -4.61 -10.58 17.99
C ALA A 118 -3.65 -11.46 17.18
N TYR A 119 -2.68 -12.10 17.86
CA TYR A 119 -1.87 -13.19 17.33
C TYR A 119 -1.88 -14.36 18.30
N ASP A 120 -2.20 -15.54 17.74
CA ASP A 120 -2.42 -16.76 18.49
C ASP A 120 -3.29 -16.53 19.73
N GLY A 121 -4.33 -15.69 19.61
CA GLY A 121 -5.34 -15.55 20.66
C GLY A 121 -4.93 -14.60 21.78
N LYS A 122 -3.76 -13.94 21.69
CA LYS A 122 -3.44 -12.89 22.65
C LYS A 122 -3.53 -11.54 21.95
N ASP A 123 -4.15 -10.54 22.60
CA ASP A 123 -3.90 -9.13 22.28
C ASP A 123 -2.52 -8.97 21.66
N TYR A 124 -2.43 -8.15 20.62
CA TYR A 124 -1.16 -7.90 19.97
C TYR A 124 -1.06 -6.40 19.71
N ILE A 125 -2.09 -5.79 19.12
CA ILE A 125 -2.10 -4.35 18.96
C ILE A 125 -3.53 -3.84 19.01
N ALA A 126 -3.76 -2.66 19.59
CA ALA A 126 -5.09 -2.07 19.53
C ALA A 126 -4.99 -0.58 19.24
N LEU A 127 -6.03 -0.05 18.60
CA LEU A 127 -6.13 1.39 18.52
C LEU A 127 -6.72 1.84 19.86
N LYS A 128 -6.19 2.96 20.42
CA LYS A 128 -6.67 3.49 21.69
C LYS A 128 -8.08 4.06 21.50
N GLU A 129 -8.67 4.58 22.58
CA GLU A 129 -10.02 5.12 22.44
C GLU A 129 -9.97 6.55 21.93
N ASP A 130 -8.80 7.19 22.05
CA ASP A 130 -8.49 8.47 21.44
C ASP A 130 -8.32 8.36 19.92
N LEU A 131 -8.43 7.16 19.36
CA LEU A 131 -8.23 6.87 17.94
C LEU A 131 -7.01 7.59 17.35
N ARG A 132 -5.87 7.65 18.08
CA ARG A 132 -4.70 8.37 17.60
C ARG A 132 -3.38 7.69 17.96
N SER A 133 -3.45 6.69 18.83
CA SER A 133 -2.25 5.99 19.31
C SER A 133 -2.55 4.48 19.43
N TRP A 134 -1.50 3.71 19.73
CA TRP A 134 -1.63 2.26 19.82
C TRP A 134 -1.05 1.70 21.12
N THR A 135 -1.81 0.81 21.79
CA THR A 135 -1.28 -0.08 22.80
C THR A 135 -0.53 -1.22 22.09
N ALA A 136 0.80 -1.23 22.18
CA ALA A 136 1.55 -2.34 21.66
C ALA A 136 2.00 -3.23 22.85
N ALA A 137 1.37 -4.41 22.96
CA ALA A 137 1.52 -5.36 24.05
C ALA A 137 2.99 -5.80 24.20
N ASP A 138 3.53 -6.49 23.18
CA ASP A 138 4.83 -7.15 23.19
C ASP A 138 5.90 -6.17 22.70
N MET A 139 7.13 -6.61 22.44
CA MET A 139 8.13 -5.78 21.78
C MET A 139 8.05 -5.89 20.26
N ALA A 140 7.55 -7.04 19.78
CA ALA A 140 7.36 -7.20 18.35
C ALA A 140 6.21 -6.31 17.89
N ALA A 141 5.17 -6.21 18.75
CA ALA A 141 4.05 -5.33 18.45
C ALA A 141 4.55 -3.89 18.32
N GLN A 142 5.71 -3.64 18.94
CA GLN A 142 6.30 -2.31 18.99
C GLN A 142 6.75 -1.96 17.58
N THR A 143 7.32 -2.96 16.87
CA THR A 143 7.77 -2.78 15.50
C THR A 143 6.59 -2.56 14.55
N THR A 144 5.46 -3.20 14.85
CA THR A 144 4.24 -3.01 14.09
C THR A 144 3.80 -1.55 14.23
N LYS A 145 3.71 -1.08 15.49
CA LYS A 145 3.31 0.28 15.86
C LYS A 145 4.17 1.34 15.18
N HIS A 146 5.47 1.11 15.04
CA HIS A 146 6.27 2.14 14.39
C HIS A 146 5.86 2.31 12.92
N LYS A 147 5.55 1.19 12.26
CA LYS A 147 5.23 1.12 10.84
C LYS A 147 3.88 1.81 10.60
N TRP A 148 2.97 1.61 11.58
CA TRP A 148 1.59 2.08 11.57
C TRP A 148 1.53 3.57 11.90
N GLU A 149 2.56 4.04 12.60
CA GLU A 149 2.72 5.48 12.86
C GLU A 149 3.27 6.15 11.59
N ALA A 150 4.33 5.58 11.03
CA ALA A 150 5.02 6.04 9.83
C ALA A 150 4.11 6.12 8.61
N ALA A 151 2.94 5.48 8.66
CA ALA A 151 2.03 5.42 7.53
C ALA A 151 0.63 5.91 7.92
N HIS A 152 0.48 6.38 9.16
CA HIS A 152 -0.67 7.18 9.55
C HIS A 152 -1.95 6.36 9.51
N VAL A 153 -1.84 5.11 9.93
CA VAL A 153 -2.97 4.21 9.94
C VAL A 153 -4.04 4.69 10.89
N ALA A 154 -3.67 5.39 11.95
CA ALA A 154 -4.64 5.73 12.97
C ALA A 154 -5.56 6.83 12.45
N GLU A 155 -4.92 7.85 11.87
CA GLU A 155 -5.61 8.94 11.18
C GLU A 155 -6.66 8.39 10.20
N GLN A 156 -6.18 7.57 9.26
CA GLN A 156 -7.01 6.96 8.25
C GLN A 156 -8.14 6.14 8.90
N LEU A 157 -7.85 5.46 10.01
CA LEU A 157 -8.90 4.70 10.65
C LEU A 157 -9.92 5.62 11.33
N ARG A 158 -9.42 6.73 11.91
CA ARG A 158 -10.28 7.61 12.70
C ARG A 158 -11.36 8.13 11.76
N ALA A 159 -10.90 8.49 10.54
CA ALA A 159 -11.73 8.95 9.43
C ALA A 159 -12.81 7.92 9.12
N TYR A 160 -12.41 6.66 8.92
CA TYR A 160 -13.35 5.65 8.50
C TYR A 160 -14.30 5.38 9.66
N LEU A 161 -13.74 5.41 10.88
CA LEU A 161 -14.52 5.00 12.04
C LEU A 161 -15.58 6.05 12.40
N GLU A 162 -15.21 7.34 12.36
CA GLU A 162 -16.13 8.44 12.66
C GLU A 162 -17.07 8.80 11.50
N GLY A 163 -16.68 8.46 10.24
CA GLY A 163 -17.42 8.76 9.03
C GLY A 163 -18.19 7.58 8.39
N THR A 164 -17.57 6.96 7.37
CA THR A 164 -18.24 5.98 6.53
C THR A 164 -18.87 4.86 7.36
N CYS A 165 -18.13 4.36 8.35
CA CYS A 165 -18.63 3.33 9.26
C CYS A 165 -20.06 3.65 9.72
N VAL A 166 -20.26 4.88 10.23
CA VAL A 166 -21.48 5.15 10.98
C VAL A 166 -22.55 5.48 9.95
N GLU A 167 -22.12 6.19 8.89
CA GLU A 167 -23.00 6.46 7.76
C GLU A 167 -23.69 5.17 7.29
N TRP A 168 -22.89 4.12 7.05
CA TRP A 168 -23.40 2.84 6.60
C TRP A 168 -24.21 2.09 7.65
N LEU A 169 -23.76 2.15 8.91
CA LEU A 169 -24.54 1.53 9.97
C LEU A 169 -25.96 2.11 9.97
N ARG A 170 -26.06 3.45 9.81
CA ARG A 170 -27.36 4.12 9.74
C ARG A 170 -28.13 3.58 8.53
N ARG A 171 -27.45 3.54 7.37
CA ARG A 171 -28.10 3.07 6.16
C ARG A 171 -28.67 1.69 6.43
N TYR A 172 -27.92 0.91 7.22
CA TYR A 172 -28.29 -0.48 7.46
C TYR A 172 -29.52 -0.52 8.35
N LEU A 173 -29.49 0.31 9.41
CA LEU A 173 -30.57 0.35 10.39
C LEU A 173 -31.86 0.79 9.70
N GLU A 174 -31.77 1.88 8.90
CA GLU A 174 -32.85 2.32 8.03
C GLU A 174 -33.41 1.10 7.27
N ASN A 175 -32.56 0.45 6.44
CA ASN A 175 -32.95 -0.53 5.44
C ASN A 175 -33.48 -1.83 6.05
N GLY A 176 -33.18 -2.06 7.33
CA GLY A 176 -33.55 -3.33 7.94
C GLY A 176 -34.45 -3.15 9.17
N LYS A 177 -35.29 -2.10 9.14
CA LYS A 177 -36.10 -1.66 10.27
C LYS A 177 -36.93 -2.83 10.81
N GLU A 178 -37.73 -3.44 9.92
CA GLU A 178 -38.60 -4.56 10.30
C GLU A 178 -37.93 -5.55 11.28
N THR A 179 -36.60 -5.61 11.34
CA THR A 179 -35.96 -6.72 12.03
C THR A 179 -34.74 -6.29 12.86
N LEU A 180 -34.20 -5.11 12.58
CA LEU A 180 -33.03 -4.66 13.31
C LEU A 180 -33.43 -3.71 14.44
N GLN A 181 -34.68 -3.21 14.38
CA GLN A 181 -35.11 -2.18 15.30
C GLN A 181 -35.91 -2.84 16.42
N ARG A 182 -36.29 -4.10 16.17
CA ARG A 182 -37.02 -4.95 17.11
C ARG A 182 -36.22 -5.10 18.42
N THR A 183 -36.98 -5.16 19.52
CA THR A 183 -36.56 -5.82 20.75
C THR A 183 -37.59 -6.90 21.02
N ASP A 184 -37.12 -8.11 21.36
CA ASP A 184 -37.99 -9.22 21.74
C ASP A 184 -37.72 -9.59 23.19
N ALA A 185 -38.74 -9.37 24.05
CA ALA A 185 -38.59 -9.61 25.48
C ALA A 185 -38.54 -11.10 25.72
N PRO A 186 -37.85 -11.57 26.79
CA PRO A 186 -37.71 -13.00 27.04
C PRO A 186 -39.01 -13.68 27.39
N LYS A 187 -39.15 -14.97 27.07
CA LYS A 187 -40.28 -15.81 27.46
C LYS A 187 -39.86 -16.69 28.65
N THR A 188 -39.81 -16.00 29.80
CA THR A 188 -39.25 -16.57 31.03
C THR A 188 -40.19 -17.57 31.68
N HIS A 189 -39.61 -18.62 32.23
CA HIS A 189 -40.31 -19.58 33.07
C HIS A 189 -39.36 -20.19 34.11
N MET A 190 -39.80 -21.26 34.80
CA MET A 190 -39.00 -21.80 35.88
C MET A 190 -39.10 -23.31 35.91
N THR A 191 -37.96 -24.00 36.13
CA THR A 191 -37.98 -25.45 36.31
C THR A 191 -37.48 -25.83 37.72
N HIS A 192 -38.02 -26.96 38.22
CA HIS A 192 -37.77 -27.54 39.54
C HIS A 192 -37.30 -29.00 39.45
N HIS A 193 -36.04 -29.23 39.90
CA HIS A 193 -35.43 -30.55 39.86
C HIS A 193 -34.85 -30.95 41.22
N ALA A 194 -35.31 -32.12 41.72
CA ALA A 194 -34.86 -32.77 42.94
C ALA A 194 -33.40 -33.23 42.78
N VAL A 195 -32.45 -32.49 43.39
CA VAL A 195 -31.04 -32.82 43.26
C VAL A 195 -30.66 -33.92 44.27
N SER A 196 -30.95 -33.66 45.55
CA SER A 196 -30.64 -34.54 46.67
C SER A 196 -31.93 -35.16 47.20
N ASP A 197 -31.85 -35.68 48.43
CA ASP A 197 -33.03 -35.95 49.24
C ASP A 197 -33.54 -34.63 49.79
N HIS A 198 -32.63 -33.61 49.96
CA HIS A 198 -32.87 -32.32 50.62
C HIS A 198 -32.49 -31.07 49.81
N GLU A 199 -32.29 -31.18 48.50
CA GLU A 199 -31.88 -30.02 47.71
C GLU A 199 -32.55 -30.01 46.32
N ALA A 200 -33.10 -28.86 45.93
CA ALA A 200 -33.66 -28.69 44.59
C ALA A 200 -32.78 -27.73 43.79
N THR A 201 -32.88 -27.90 42.46
CA THR A 201 -32.43 -26.82 41.59
C THR A 201 -33.62 -25.96 41.16
N LEU A 202 -33.32 -24.67 41.01
CA LEU A 202 -34.24 -23.75 40.38
C LEU A 202 -33.52 -23.20 39.15
N ARG A 203 -33.96 -23.69 37.97
CA ARG A 203 -33.51 -23.10 36.72
C ARG A 203 -34.48 -22.00 36.33
N CYS A 204 -33.92 -20.81 36.19
CA CYS A 204 -34.65 -19.68 35.69
C CYS A 204 -34.27 -19.43 34.21
N TRP A 205 -35.24 -19.71 33.28
CA TRP A 205 -35.11 -19.69 31.82
C TRP A 205 -35.55 -18.37 31.21
N ALA A 206 -34.68 -17.76 30.40
CA ALA A 206 -35.07 -16.67 29.50
C ALA A 206 -34.93 -17.09 28.03
N LEU A 207 -36.08 -17.29 27.34
CA LEU A 207 -36.09 -17.74 25.95
C LEU A 207 -36.40 -16.64 24.93
N SER A 208 -35.79 -16.82 23.75
CA SER A 208 -36.19 -16.17 22.52
C SER A 208 -36.35 -14.65 22.70
N PHE A 209 -35.23 -13.99 23.00
CA PHE A 209 -35.14 -12.54 23.17
C PHE A 209 -34.09 -12.02 22.18
N TYR A 210 -34.12 -10.70 21.91
CA TYR A 210 -33.15 -10.00 21.12
C TYR A 210 -33.25 -8.56 21.61
N PRO A 211 -32.14 -7.80 21.79
CA PRO A 211 -30.79 -8.28 21.51
C PRO A 211 -30.36 -9.38 22.48
N ALA A 212 -29.03 -9.61 22.51
CA ALA A 212 -28.43 -10.74 23.20
C ALA A 212 -28.27 -10.43 24.69
N GLU A 213 -27.87 -9.15 24.95
CA GLU A 213 -27.59 -8.58 26.26
C GLU A 213 -28.73 -8.85 27.23
N ILE A 214 -28.43 -9.53 28.33
CA ILE A 214 -29.41 -9.87 29.33
C ILE A 214 -28.67 -10.13 30.64
N THR A 215 -29.34 -9.87 31.76
CA THR A 215 -28.84 -10.23 33.07
C THR A 215 -29.91 -11.01 33.82
N LEU A 216 -29.53 -12.22 34.22
CA LEU A 216 -30.26 -13.05 35.17
C LEU A 216 -29.51 -13.03 36.49
N THR A 217 -30.19 -12.64 37.59
CA THR A 217 -29.67 -12.78 38.94
C THR A 217 -30.65 -13.55 39.82
N TRP A 218 -30.12 -14.13 40.88
CA TRP A 218 -30.92 -14.76 41.93
C TRP A 218 -30.82 -13.96 43.22
N GLN A 219 -31.84 -14.09 44.07
CA GLN A 219 -31.85 -13.42 45.37
C GLN A 219 -32.45 -14.40 46.35
N ARG A 220 -31.84 -14.45 47.55
CA ARG A 220 -32.42 -15.04 48.75
C ARG A 220 -32.86 -13.89 49.64
N ASP A 221 -34.19 -13.89 49.92
CA ASP A 221 -34.89 -12.79 50.57
C ASP A 221 -34.16 -11.48 50.27
N GLY A 222 -34.15 -11.06 49.00
CA GLY A 222 -33.69 -9.74 48.63
C GLY A 222 -32.16 -9.56 48.69
N GLU A 223 -31.41 -10.60 49.08
CA GLU A 223 -29.96 -10.49 49.16
C GLU A 223 -29.26 -11.25 48.02
N ASP A 224 -28.54 -10.50 47.17
CA ASP A 224 -28.16 -10.85 45.80
C ASP A 224 -27.28 -12.10 45.78
N GLN A 225 -27.88 -13.28 45.50
CA GLN A 225 -27.27 -14.58 45.81
C GLN A 225 -26.47 -15.16 44.65
N THR A 226 -25.16 -14.86 44.64
CA THR A 226 -24.19 -15.51 43.78
C THR A 226 -23.70 -16.81 44.44
N GLN A 227 -23.99 -16.96 45.75
CA GLN A 227 -23.33 -17.95 46.60
C GLN A 227 -23.63 -19.39 46.19
N ASP A 228 -24.58 -19.61 45.26
CA ASP A 228 -24.81 -20.92 44.66
C ASP A 228 -25.33 -20.82 43.22
N THR A 229 -24.86 -19.83 42.42
CA THR A 229 -25.43 -19.49 41.12
C THR A 229 -24.66 -20.09 39.92
N GLU A 230 -25.27 -21.06 39.24
CA GLU A 230 -24.75 -21.48 37.93
C GLU A 230 -25.38 -20.68 36.77
N LEU A 231 -24.55 -20.25 35.81
CA LEU A 231 -24.93 -19.21 34.86
C LEU A 231 -24.28 -19.51 33.50
N VAL A 232 -25.06 -20.06 32.52
CA VAL A 232 -24.50 -20.42 31.21
C VAL A 232 -24.38 -19.21 30.32
N GLU A 233 -23.59 -19.38 29.25
CA GLU A 233 -23.37 -18.34 28.26
C GLU A 233 -24.65 -18.14 27.46
N THR A 234 -24.95 -16.87 27.16
CA THR A 234 -26.00 -16.54 26.21
C THR A 234 -25.72 -17.34 24.93
N ARG A 235 -26.68 -18.20 24.58
CA ARG A 235 -26.61 -19.08 23.43
C ARG A 235 -27.60 -18.63 22.35
N PRO A 236 -27.30 -18.84 21.04
CA PRO A 236 -28.26 -18.50 19.97
C PRO A 236 -29.29 -19.62 19.79
N ALA A 237 -30.47 -19.25 19.30
CA ALA A 237 -31.51 -20.27 19.12
C ALA A 237 -31.50 -20.78 17.67
N GLY A 238 -30.94 -19.95 16.76
CA GLY A 238 -31.13 -20.08 15.32
C GLY A 238 -32.26 -19.20 14.78
N ASP A 239 -33.31 -19.06 15.59
CA ASP A 239 -34.49 -18.28 15.26
C ASP A 239 -34.08 -16.88 14.84
N GLY A 240 -32.81 -16.53 15.07
CA GLY A 240 -32.44 -15.13 15.20
C GLY A 240 -32.79 -14.61 16.61
N THR A 241 -33.15 -15.51 17.56
CA THR A 241 -33.26 -15.11 18.95
C THR A 241 -32.07 -15.64 19.80
N PHE A 242 -32.19 -15.43 21.12
CA PHE A 242 -31.22 -15.87 22.10
C PHE A 242 -31.88 -16.45 23.35
N GLN A 243 -31.11 -17.23 24.11
CA GLN A 243 -31.58 -18.00 25.23
C GLN A 243 -30.49 -18.04 26.30
N LYS A 244 -30.88 -18.27 27.56
CA LYS A 244 -29.98 -18.25 28.71
C LYS A 244 -30.73 -18.76 29.92
N TRP A 245 -29.99 -19.31 30.88
CA TRP A 245 -30.60 -19.73 32.13
C TRP A 245 -29.61 -19.49 33.25
N ALA A 246 -30.04 -19.88 34.46
CA ALA A 246 -29.38 -19.62 35.73
C ALA A 246 -30.04 -20.48 36.82
N ALA A 247 -29.19 -21.17 37.56
CA ALA A 247 -29.67 -22.19 38.45
C ALA A 247 -29.06 -21.95 39.84
N VAL A 248 -29.81 -22.35 40.88
CA VAL A 248 -29.38 -22.22 42.26
C VAL A 248 -29.87 -23.48 42.94
N VAL A 249 -29.00 -24.04 43.80
CA VAL A 249 -29.48 -25.16 44.58
C VAL A 249 -29.93 -24.58 45.90
N VAL A 250 -31.10 -25.06 46.33
CA VAL A 250 -31.82 -24.53 47.47
C VAL A 250 -32.16 -25.72 48.36
N PRO A 251 -32.19 -25.55 49.70
CA PRO A 251 -32.78 -26.59 50.56
C PRO A 251 -34.26 -26.75 50.18
N SER A 252 -34.60 -27.99 49.79
CA SER A 252 -35.96 -28.44 49.55
C SER A 252 -36.80 -27.81 50.63
N GLY A 253 -37.97 -27.27 50.25
CA GLY A 253 -38.86 -26.60 51.19
C GLY A 253 -38.69 -25.08 51.37
N GLN A 254 -37.63 -24.48 50.81
CA GLN A 254 -37.38 -23.04 50.89
C GLN A 254 -37.26 -22.36 49.51
N GLU A 255 -37.80 -23.06 48.49
CA GLU A 255 -37.98 -22.53 47.15
C GLU A 255 -38.52 -21.09 47.24
N GLN A 256 -39.59 -20.93 48.04
CA GLN A 256 -40.39 -19.72 48.03
C GLN A 256 -39.64 -18.50 48.58
N ARG A 257 -38.34 -18.60 48.86
CA ARG A 257 -37.59 -17.45 49.39
C ARG A 257 -36.67 -16.90 48.32
N TYR A 258 -36.75 -17.54 47.14
CA TYR A 258 -35.83 -17.31 46.03
C TYR A 258 -36.60 -16.73 44.85
N THR A 259 -35.99 -15.70 44.25
CA THR A 259 -36.57 -14.91 43.17
C THR A 259 -35.50 -14.64 42.11
N CYS A 260 -35.88 -14.98 40.86
CA CYS A 260 -35.09 -14.69 39.69
C CYS A 260 -35.41 -13.27 39.21
N HIS A 261 -34.38 -12.60 38.71
CA HIS A 261 -34.47 -11.21 38.31
C HIS A 261 -33.91 -11.06 36.89
N VAL A 262 -34.84 -10.88 35.93
CA VAL A 262 -34.50 -10.80 34.52
C VAL A 262 -34.60 -9.37 34.05
N GLN A 263 -33.48 -8.81 33.56
CA GLN A 263 -33.53 -7.46 33.01
C GLN A 263 -32.97 -7.38 31.58
N HIS A 264 -33.92 -7.23 30.63
CA HIS A 264 -33.65 -7.07 29.22
C HIS A 264 -34.15 -5.71 28.75
N GLU A 265 -33.51 -5.18 27.69
CA GLU A 265 -33.93 -3.98 27.00
C GLU A 265 -35.42 -4.06 26.65
N GLY A 266 -35.93 -5.27 26.46
CA GLY A 266 -37.28 -5.44 25.93
C GLY A 266 -38.36 -5.49 27.00
N LEU A 267 -37.95 -5.35 28.26
CA LEU A 267 -38.92 -5.36 29.34
C LEU A 267 -38.97 -3.96 29.94
N PRO A 268 -40.20 -3.45 30.12
CA PRO A 268 -40.40 -2.15 30.78
C PRO A 268 -39.66 -2.13 32.13
N LYS A 269 -40.08 -3.03 33.03
CA LYS A 269 -39.49 -3.08 34.36
C LYS A 269 -38.93 -4.49 34.55
N PRO A 270 -37.77 -4.62 35.24
CA PRO A 270 -37.22 -5.93 35.62
C PRO A 270 -38.33 -6.88 36.04
N LEU A 271 -38.19 -8.14 35.64
CA LEU A 271 -39.15 -9.17 35.96
C LEU A 271 -38.66 -10.00 37.14
N THR A 272 -39.61 -10.72 37.77
CA THR A 272 -39.36 -11.46 38.99
C THR A 272 -40.18 -12.73 38.87
N LEU A 273 -39.52 -13.89 38.94
CA LEU A 273 -40.31 -15.11 39.01
C LEU A 273 -40.04 -15.79 40.34
N ARG A 274 -41.05 -16.51 40.84
CA ARG A 274 -40.83 -17.37 41.99
C ARG A 274 -41.56 -18.68 41.73
N TRP A 275 -40.98 -19.81 42.18
CA TRP A 275 -41.68 -21.07 42.09
C TRP A 275 -43.06 -20.93 42.78
N MET B 1 1.73 -19.64 22.43
CA MET B 1 0.25 -19.56 22.18
C MET B 1 -0.57 -20.15 23.36
N ILE B 2 -1.81 -19.67 23.50
CA ILE B 2 -2.82 -20.09 24.47
C ILE B 2 -3.66 -21.24 23.88
N GLN B 3 -4.19 -22.11 24.73
CA GLN B 3 -5.13 -23.13 24.29
C GLN B 3 -6.29 -23.12 25.27
N ARG B 4 -7.51 -23.33 24.76
CA ARG B 4 -8.70 -23.04 25.52
C ARG B 4 -9.73 -24.09 25.13
N THR B 5 -10.29 -24.75 26.13
CA THR B 5 -11.20 -25.84 25.88
C THR B 5 -12.61 -25.35 25.57
N PRO B 6 -13.33 -25.95 24.60
CA PRO B 6 -14.71 -25.56 24.32
C PRO B 6 -15.72 -25.89 25.41
N LYS B 7 -16.79 -25.11 25.42
CA LYS B 7 -17.93 -25.25 26.30
C LYS B 7 -19.07 -25.70 25.40
N ILE B 8 -19.62 -26.88 25.66
CA ILE B 8 -20.61 -27.45 24.78
C ILE B 8 -21.98 -27.18 25.41
N GLN B 9 -23.01 -26.98 24.59
CA GLN B 9 -24.38 -26.91 25.04
C GLN B 9 -25.22 -27.51 23.93
N VAL B 10 -26.11 -28.45 24.29
CA VAL B 10 -27.06 -29.03 23.36
C VAL B 10 -28.48 -28.64 23.77
N TYR B 11 -29.31 -28.27 22.81
CA TYR B 11 -30.59 -27.68 23.10
C TYR B 11 -31.39 -27.57 21.82
N SER B 12 -32.72 -27.52 21.96
CA SER B 12 -33.58 -27.37 20.82
C SER B 12 -33.70 -25.88 20.56
N ARG B 13 -34.32 -25.53 19.43
CA ARG B 13 -34.49 -24.15 19.04
C ARG B 13 -35.74 -23.68 19.75
N HIS B 14 -36.66 -24.64 19.90
CA HIS B 14 -38.02 -24.43 20.38
C HIS B 14 -38.36 -25.53 21.36
N PRO B 15 -39.24 -25.27 22.35
CA PRO B 15 -39.51 -26.26 23.40
C PRO B 15 -39.86 -27.66 22.86
N ALA B 16 -39.17 -28.72 23.36
CA ALA B 16 -39.25 -30.15 22.96
C ALA B 16 -40.72 -30.63 22.88
N GLU B 17 -41.35 -30.67 21.70
CA GLU B 17 -42.66 -31.31 21.64
C GLU B 17 -42.72 -32.40 20.57
N ASN B 18 -42.86 -33.67 21.01
CA ASN B 18 -42.72 -34.90 20.23
C ASN B 18 -43.54 -34.85 18.93
N GLY B 19 -42.92 -35.34 17.83
CA GLY B 19 -43.54 -35.40 16.51
C GLY B 19 -43.86 -34.03 15.89
N LYS B 20 -43.24 -32.95 16.43
CA LYS B 20 -43.27 -31.63 15.81
C LYS B 20 -41.86 -31.24 15.38
N SER B 21 -41.77 -30.63 14.19
CA SER B 21 -40.50 -30.31 13.57
C SER B 21 -39.85 -29.14 14.28
N ASN B 22 -38.71 -29.43 14.92
CA ASN B 22 -37.87 -28.44 15.59
C ASN B 22 -36.51 -28.48 14.91
N PHE B 23 -35.52 -27.77 15.48
CA PHE B 23 -34.11 -27.89 15.14
C PHE B 23 -33.28 -28.21 16.38
N LEU B 24 -32.27 -29.04 16.23
CA LEU B 24 -31.41 -29.47 17.33
C LEU B 24 -30.04 -28.79 17.25
N ASN B 25 -29.73 -27.95 18.25
CA ASN B 25 -28.54 -27.12 18.27
C ASN B 25 -27.44 -27.79 19.07
N CYS B 26 -26.20 -27.53 18.69
CA CYS B 26 -25.05 -27.76 19.55
C CYS B 26 -24.16 -26.56 19.36
N TYR B 27 -23.92 -25.83 20.47
CA TYR B 27 -23.16 -24.59 20.51
C TYR B 27 -21.91 -24.80 21.34
N VAL B 28 -20.78 -24.45 20.75
CA VAL B 28 -19.47 -24.59 21.35
C VAL B 28 -18.87 -23.20 21.37
N SER B 29 -18.20 -22.84 22.48
CA SER B 29 -17.74 -21.47 22.65
C SER B 29 -16.54 -21.49 23.56
N GLY B 30 -15.78 -20.41 23.56
CA GLY B 30 -14.67 -20.27 24.50
C GLY B 30 -13.45 -21.11 24.15
N PHE B 31 -13.33 -21.54 22.89
CA PHE B 31 -12.20 -22.42 22.56
C PHE B 31 -11.10 -21.67 21.82
N HIS B 32 -9.94 -22.30 21.69
CA HIS B 32 -8.87 -21.75 20.87
C HIS B 32 -7.77 -22.79 20.76
N PRO B 33 -7.19 -23.06 19.57
CA PRO B 33 -7.57 -22.37 18.33
C PRO B 33 -8.87 -22.91 17.75
N SER B 34 -9.11 -22.67 16.46
CA SER B 34 -10.44 -22.71 15.90
C SER B 34 -10.77 -24.03 15.23
N ASP B 35 -9.81 -24.95 15.16
CA ASP B 35 -10.07 -26.22 14.50
C ASP B 35 -10.82 -27.09 15.48
N ILE B 36 -11.99 -27.60 15.07
CA ILE B 36 -12.90 -28.28 15.97
C ILE B 36 -13.72 -29.30 15.18
N GLU B 37 -13.90 -30.52 15.72
CA GLU B 37 -14.89 -31.45 15.16
C GLU B 37 -16.15 -31.45 16.02
N VAL B 38 -17.31 -31.41 15.33
CA VAL B 38 -18.60 -31.39 15.99
C VAL B 38 -19.54 -32.27 15.19
N ASP B 39 -19.93 -33.41 15.75
CA ASP B 39 -21.04 -34.18 15.18
C ASP B 39 -22.18 -34.28 16.19
N LEU B 40 -23.40 -34.14 15.68
CA LEU B 40 -24.63 -34.44 16.39
C LEU B 40 -24.96 -35.93 16.25
N LEU B 41 -25.43 -36.58 17.33
CA LEU B 41 -25.75 -38.00 17.33
C LEU B 41 -27.26 -38.29 17.46
N LYS B 42 -27.77 -39.17 16.60
CA LYS B 42 -29.06 -39.81 16.78
C LYS B 42 -28.79 -41.25 17.18
N ASN B 43 -29.07 -41.58 18.45
CA ASN B 43 -28.91 -42.93 18.97
C ASN B 43 -27.45 -43.35 18.81
N GLY B 44 -26.56 -42.38 18.58
CA GLY B 44 -25.13 -42.64 18.60
C GLY B 44 -24.49 -42.66 17.21
N GLU B 45 -25.30 -42.50 16.15
CA GLU B 45 -24.80 -42.41 14.78
C GLU B 45 -24.75 -40.95 14.34
N ARG B 46 -23.65 -40.50 13.71
CA ARG B 46 -23.55 -39.15 13.15
C ARG B 46 -24.78 -38.90 12.29
N ILE B 47 -25.36 -37.71 12.40
CA ILE B 47 -26.34 -37.27 11.43
C ILE B 47 -25.53 -36.80 10.22
N GLU B 48 -26.19 -36.51 9.10
CA GLU B 48 -25.44 -36.27 7.88
C GLU B 48 -25.78 -34.88 7.33
N LYS B 49 -26.98 -34.38 7.61
CA LYS B 49 -27.34 -33.06 7.12
C LYS B 49 -27.15 -32.02 8.25
N VAL B 50 -25.88 -31.80 8.67
CA VAL B 50 -25.58 -30.86 9.74
C VAL B 50 -24.84 -29.62 9.24
N GLU B 51 -25.52 -28.47 9.27
CA GLU B 51 -24.96 -27.17 8.93
C GLU B 51 -24.27 -26.55 10.15
N HIS B 52 -23.56 -25.43 9.96
CA HIS B 52 -22.94 -24.69 11.05
C HIS B 52 -22.88 -23.19 10.78
N SER B 53 -22.72 -22.41 11.85
CA SER B 53 -22.57 -20.98 11.71
C SER B 53 -21.18 -20.69 11.11
N ASP B 54 -20.98 -19.48 10.59
CA ASP B 54 -19.71 -18.92 10.19
C ASP B 54 -18.88 -18.55 11.42
N LEU B 55 -17.63 -19.02 11.47
CA LEU B 55 -16.68 -18.75 12.56
C LEU B 55 -16.59 -17.28 13.02
N SER B 56 -16.91 -17.06 14.30
CA SER B 56 -16.70 -15.79 14.96
C SER B 56 -16.00 -15.96 16.31
N PHE B 57 -15.67 -14.83 16.95
CA PHE B 57 -14.99 -14.82 18.25
C PHE B 57 -15.51 -13.68 19.12
N SER B 58 -15.32 -13.81 20.45
CA SER B 58 -15.82 -12.79 21.39
C SER B 58 -14.67 -11.97 22.00
N LYS B 59 -15.03 -11.00 22.87
CA LYS B 59 -14.09 -10.04 23.44
C LYS B 59 -12.74 -10.70 23.80
N ASP B 60 -12.75 -11.90 24.43
CA ASP B 60 -11.54 -12.54 24.92
C ASP B 60 -10.74 -13.20 23.80
N TRP B 61 -11.22 -13.09 22.55
CA TRP B 61 -10.55 -13.64 21.37
C TRP B 61 -10.95 -15.09 21.05
N SER B 62 -11.66 -15.76 21.97
CA SER B 62 -11.95 -17.17 21.86
C SER B 62 -13.10 -17.32 20.86
N PHE B 63 -13.24 -18.51 20.28
CA PHE B 63 -14.12 -18.74 19.15
C PHE B 63 -15.41 -19.39 19.61
N TYR B 64 -16.45 -19.29 18.77
CA TYR B 64 -17.72 -19.95 19.01
C TYR B 64 -18.40 -20.36 17.70
N LEU B 65 -19.07 -21.53 17.67
CA LEU B 65 -19.90 -21.92 16.53
C LEU B 65 -21.25 -22.49 16.96
N LEU B 66 -22.18 -22.49 16.01
CA LEU B 66 -23.40 -23.27 16.20
C LEU B 66 -23.57 -24.33 15.10
N TYR B 67 -23.47 -25.62 15.46
CA TYR B 67 -24.00 -26.67 14.59
C TYR B 67 -25.49 -26.94 14.86
N TYR B 68 -26.25 -27.33 13.83
CA TYR B 68 -27.71 -27.49 13.93
C TYR B 68 -28.31 -28.19 12.70
N THR B 69 -29.54 -28.73 12.86
CA THR B 69 -30.26 -29.54 11.88
C THR B 69 -31.72 -29.79 12.26
N GLU B 70 -32.66 -29.71 11.29
CA GLU B 70 -34.07 -30.04 11.55
C GLU B 70 -34.18 -31.47 12.08
N PHE B 71 -35.20 -31.71 12.93
CA PHE B 71 -35.42 -32.99 13.60
C PHE B 71 -36.77 -32.97 14.31
N THR B 72 -37.29 -34.18 14.56
CA THR B 72 -38.44 -34.41 15.43
C THR B 72 -38.04 -35.39 16.53
N PRO B 73 -38.10 -34.96 17.81
CA PRO B 73 -37.84 -35.88 18.94
C PRO B 73 -39.07 -36.77 19.18
N THR B 74 -38.85 -37.83 19.98
CA THR B 74 -39.88 -38.84 20.19
C THR B 74 -39.77 -39.47 21.57
N GLU B 75 -39.13 -38.75 22.52
CA GLU B 75 -38.98 -39.27 23.87
C GLU B 75 -38.22 -40.59 23.85
N LYS B 76 -38.28 -41.29 22.70
CA LYS B 76 -37.61 -42.55 22.50
C LYS B 76 -36.19 -42.29 21.97
N ASP B 77 -36.07 -41.42 20.96
CA ASP B 77 -34.78 -41.19 20.32
C ASP B 77 -33.90 -40.30 21.19
N GLU B 78 -32.72 -40.84 21.58
CA GLU B 78 -31.67 -40.14 22.35
C GLU B 78 -30.73 -39.36 21.42
N TYR B 79 -30.46 -38.08 21.74
CA TYR B 79 -29.61 -37.21 20.93
C TYR B 79 -28.46 -36.62 21.76
N ALA B 80 -27.29 -36.47 21.13
CA ALA B 80 -26.10 -35.95 21.82
C ALA B 80 -25.26 -35.09 20.87
N CYS B 81 -24.07 -34.65 21.33
CA CYS B 81 -23.13 -33.84 20.57
C CYS B 81 -21.70 -34.26 20.88
N ARG B 82 -21.00 -34.78 19.85
CA ARG B 82 -19.62 -35.25 20.01
C ARG B 82 -18.62 -34.21 19.53
N VAL B 83 -17.55 -33.99 20.31
CA VAL B 83 -16.69 -32.82 20.11
C VAL B 83 -15.23 -33.20 20.29
N ASN B 84 -14.42 -33.00 19.24
CA ASN B 84 -12.99 -33.10 19.46
C ASN B 84 -12.32 -31.75 19.14
N HIS B 85 -11.24 -31.49 19.91
CA HIS B 85 -10.49 -30.26 19.86
C HIS B 85 -9.12 -30.64 20.38
N VAL B 86 -8.09 -29.87 20.05
CA VAL B 86 -6.76 -30.24 20.46
C VAL B 86 -6.75 -30.44 21.98
N THR B 87 -7.44 -29.58 22.74
CA THR B 87 -7.30 -29.56 24.19
C THR B 87 -7.79 -30.85 24.81
N LEU B 88 -8.53 -31.66 24.06
CA LEU B 88 -9.26 -32.81 24.59
C LEU B 88 -8.56 -34.12 24.26
N SER B 89 -8.19 -34.88 25.32
CA SER B 89 -7.51 -36.17 25.26
C SER B 89 -8.39 -37.18 24.52
N GLN B 90 -9.71 -37.12 24.79
CA GLN B 90 -10.69 -37.97 24.11
C GLN B 90 -11.83 -37.09 23.61
N PRO B 91 -12.66 -37.48 22.60
CA PRO B 91 -13.88 -36.73 22.29
C PRO B 91 -14.85 -36.59 23.46
N LYS B 92 -15.64 -35.50 23.52
CA LYS B 92 -16.66 -35.30 24.55
C LYS B 92 -18.08 -35.44 23.96
N ILE B 93 -18.89 -36.25 24.64
CA ILE B 93 -20.26 -36.56 24.27
C ILE B 93 -21.13 -35.92 25.35
N VAL B 94 -21.94 -34.94 25.02
CA VAL B 94 -22.84 -34.44 26.05
C VAL B 94 -24.27 -34.72 25.56
N LYS B 95 -25.08 -35.34 26.43
CA LYS B 95 -26.38 -35.88 26.03
C LYS B 95 -27.38 -34.73 25.86
N TRP B 96 -28.56 -34.98 25.28
CA TRP B 96 -29.50 -33.89 25.16
C TRP B 96 -30.63 -34.08 26.15
N ASP B 97 -30.62 -33.32 27.25
CA ASP B 97 -31.67 -33.35 28.25
C ASP B 97 -32.72 -32.28 27.94
N ARG B 98 -34.01 -32.67 27.94
CA ARG B 98 -35.11 -31.75 27.62
C ARG B 98 -35.40 -30.77 28.76
N ASP B 99 -34.82 -30.99 29.96
CA ASP B 99 -35.09 -30.24 31.20
C ASP B 99 -34.00 -29.22 31.55
N MET B 100 -32.72 -29.64 31.30
CA MET B 100 -31.55 -28.83 31.61
C MET B 100 -30.87 -28.37 30.32
N LYS C 3 -7.28 10.71 -17.54
CA LYS C 3 -6.35 10.60 -16.33
C LYS C 3 -7.07 10.94 -14.99
N GLU C 4 -6.71 10.15 -13.98
CA GLU C 4 -7.33 10.22 -12.67
C GLU C 4 -6.75 11.40 -11.90
N VAL C 5 -5.57 11.89 -12.34
CA VAL C 5 -4.88 13.03 -11.72
C VAL C 5 -4.40 14.03 -12.80
N GLU C 6 -4.52 15.32 -12.50
CA GLU C 6 -3.93 16.32 -13.38
C GLU C 6 -3.02 17.22 -12.55
N GLN C 7 -1.89 17.64 -13.16
CA GLN C 7 -1.04 18.69 -12.63
C GLN C 7 -0.45 19.57 -13.74
N ASP C 8 -0.09 20.84 -13.45
CA ASP C 8 0.43 21.73 -14.49
C ASP C 8 1.89 21.42 -14.79
N PRO C 9 2.30 21.31 -16.07
CA PRO C 9 3.67 20.89 -16.39
C PRO C 9 4.74 21.91 -15.98
N GLY C 10 4.37 23.19 -15.94
CA GLY C 10 5.34 24.27 -15.76
C GLY C 10 6.25 24.32 -16.98
N PRO C 11 7.60 24.44 -16.83
CA PRO C 11 8.28 24.46 -15.54
C PRO C 11 8.07 25.73 -14.74
N PHE C 12 8.23 25.65 -13.42
CA PHE C 12 8.15 26.78 -12.51
C PHE C 12 9.56 27.16 -12.03
N ASN C 13 9.91 28.41 -12.28
CA ASN C 13 11.21 28.98 -11.91
C ASN C 13 11.04 29.64 -10.56
N VAL C 14 11.68 29.10 -9.53
CA VAL C 14 11.67 29.81 -8.29
C VAL C 14 13.09 30.18 -7.87
N PRO C 15 13.32 31.44 -7.42
CA PRO C 15 14.61 31.77 -6.80
C PRO C 15 15.01 30.84 -5.64
N GLU C 16 16.30 30.48 -5.64
CA GLU C 16 16.89 29.79 -4.50
C GLU C 16 16.58 30.52 -3.19
N GLY C 17 15.88 29.85 -2.29
CA GLY C 17 15.50 30.40 -0.99
C GLY C 17 13.98 30.64 -0.92
N ALA C 18 13.38 30.93 -2.07
CA ALA C 18 11.96 31.24 -2.07
C ALA C 18 11.09 29.97 -1.84
N THR C 19 9.87 30.16 -1.34
CA THR C 19 8.89 29.09 -1.24
C THR C 19 8.22 28.74 -2.57
N VAL C 20 8.03 27.45 -2.81
CA VAL C 20 7.26 27.08 -3.98
C VAL C 20 6.04 26.24 -3.56
N ALA C 21 4.94 26.38 -4.31
CA ALA C 21 3.75 25.61 -4.04
C ALA C 21 3.28 24.87 -5.29
N PHE C 22 2.99 23.57 -5.10
CA PHE C 22 2.53 22.72 -6.16
C PHE C 22 1.15 22.20 -5.79
N ASN C 23 0.36 21.83 -6.81
CA ASN C 23 -0.97 21.33 -6.58
C ASN C 23 -1.33 20.27 -7.63
N CYS C 24 -2.16 19.31 -7.21
CA CYS C 24 -2.66 18.28 -8.12
C CYS C 24 -4.12 18.08 -7.80
N THR C 25 -4.94 17.97 -8.83
CA THR C 25 -6.36 17.68 -8.61
C THR C 25 -6.62 16.25 -9.07
N TYR C 26 -7.70 15.63 -8.52
CA TYR C 26 -8.09 14.26 -8.86
C TYR C 26 -9.61 14.11 -8.95
N SER C 27 -10.07 13.30 -9.94
CA SER C 27 -11.45 13.07 -10.36
C SER C 27 -12.26 12.32 -9.29
N ASN C 28 -11.62 11.38 -8.57
CA ASN C 28 -12.38 10.31 -7.93
C ASN C 28 -12.29 10.48 -6.42
N SER C 29 -13.42 10.88 -5.84
CA SER C 29 -13.54 11.32 -4.46
C SER C 29 -13.29 10.16 -3.50
N ALA C 30 -13.31 8.93 -4.05
CA ALA C 30 -13.22 7.76 -3.19
C ALA C 30 -11.76 7.45 -2.87
N SER C 31 -10.89 7.86 -3.79
CA SER C 31 -9.44 7.72 -3.72
C SER C 31 -8.94 7.85 -2.29
N GLN C 32 -8.22 6.83 -1.82
CA GLN C 32 -7.82 6.74 -0.43
C GLN C 32 -6.38 7.24 -0.13
N SER C 33 -5.43 6.99 -1.04
CA SER C 33 -4.04 7.19 -0.68
C SER C 33 -3.30 8.02 -1.74
N PHE C 34 -2.39 8.87 -1.28
CA PHE C 34 -1.76 9.87 -2.15
C PHE C 34 -0.25 10.00 -1.82
N PHE C 35 0.51 10.34 -2.84
CA PHE C 35 1.94 10.53 -2.61
C PHE C 35 2.39 11.67 -3.51
N TRP C 36 3.50 12.29 -3.14
CA TRP C 36 4.36 13.03 -4.04
C TRP C 36 5.64 12.21 -4.30
N TYR C 37 6.02 12.11 -5.58
CA TYR C 37 7.28 11.54 -6.03
C TYR C 37 8.10 12.64 -6.72
N ARG C 38 9.42 12.49 -6.64
CA ARG C 38 10.45 13.37 -7.18
C ARG C 38 11.29 12.55 -8.16
N GLN C 39 11.56 13.12 -9.34
CA GLN C 39 12.35 12.44 -10.34
C GLN C 39 13.33 13.41 -11.00
N ASP C 40 14.65 13.19 -10.81
CA ASP C 40 15.70 13.93 -11.49
C ASP C 40 15.70 13.63 -12.99
N CYS C 41 16.33 14.50 -13.81
CA CYS C 41 16.44 14.26 -15.25
C CYS C 41 17.21 12.96 -15.45
N ARG C 42 16.75 12.16 -16.42
CA ARG C 42 17.21 10.80 -16.71
C ARG C 42 17.49 9.98 -15.44
N LYS C 43 16.59 10.03 -14.46
CA LYS C 43 16.63 9.06 -13.37
C LYS C 43 15.23 8.53 -13.06
N GLU C 44 15.12 7.84 -11.93
CA GLU C 44 13.96 7.02 -11.66
C GLU C 44 13.10 7.73 -10.61
N PRO C 45 11.77 7.59 -10.62
CA PRO C 45 10.93 8.22 -9.60
C PRO C 45 11.36 7.72 -8.22
N LYS C 46 11.38 8.59 -7.21
CA LYS C 46 11.58 8.18 -5.83
C LYS C 46 10.54 8.84 -4.93
N LEU C 47 9.99 8.09 -3.99
CA LEU C 47 9.06 8.66 -3.01
C LEU C 47 9.65 9.90 -2.34
N LEU C 48 8.88 11.00 -2.31
CA LEU C 48 9.15 12.11 -1.43
C LEU C 48 8.39 11.92 -0.12
N MET C 49 7.08 11.79 -0.18
CA MET C 49 6.32 11.61 1.05
C MET C 49 4.88 11.27 0.70
N SER C 50 4.16 10.76 1.69
CA SER C 50 2.76 10.43 1.52
C SER C 50 1.99 11.67 1.94
N VAL C 51 0.67 11.69 1.67
CA VAL C 51 -0.07 12.91 1.88
C VAL C 51 -1.39 12.58 2.59
N TYR C 52 -1.57 13.11 3.81
CA TYR C 52 -2.78 12.91 4.60
C TYR C 52 -3.46 14.25 4.90
N SER C 53 -4.77 14.19 5.18
CA SER C 53 -5.60 15.33 5.57
C SER C 53 -4.97 16.15 6.71
N SER C 54 -4.28 15.49 7.62
CA SER C 54 -3.53 16.21 8.63
C SER C 54 -2.23 16.61 7.98
N GLY C 55 -2.13 17.86 7.57
CA GLY C 55 -0.97 18.32 6.83
C GLY C 55 0.34 17.97 7.53
N ASN C 56 1.08 17.06 6.92
CA ASN C 56 2.36 16.63 7.48
C ASN C 56 3.47 17.59 7.05
N GLU C 57 3.85 18.52 7.95
CA GLU C 57 5.08 19.31 7.80
C GLU C 57 6.32 18.54 8.25
N ASP C 58 7.16 18.06 7.30
CA ASP C 58 8.44 17.36 7.53
C ASP C 58 9.61 18.21 7.02
N GLY C 59 10.12 19.09 7.90
CA GLY C 59 11.31 19.88 7.57
C GLY C 59 10.92 21.04 6.67
N ARG C 60 11.55 21.13 5.49
CA ARG C 60 11.22 22.13 4.48
C ARG C 60 9.94 21.78 3.70
N PHE C 61 9.48 20.52 3.77
CA PHE C 61 8.37 20.03 2.96
C PHE C 61 7.04 19.99 3.72
N THR C 62 5.94 20.40 3.09
CA THR C 62 4.63 20.16 3.69
C THR C 62 3.65 19.73 2.60
N ALA C 63 2.96 18.63 2.84
CA ALA C 63 1.98 18.09 1.91
C ALA C 63 0.58 18.19 2.49
N GLN C 64 -0.39 18.51 1.64
CA GLN C 64 -1.76 18.61 2.13
C GLN C 64 -2.68 17.82 1.23
N LEU C 65 -3.63 17.11 1.86
CA LEU C 65 -4.73 16.53 1.09
C LEU C 65 -6.00 17.21 1.54
N ASN C 66 -6.85 17.59 0.57
CA ASN C 66 -8.20 18.10 0.83
C ASN C 66 -9.24 17.25 0.10
N ARG C 67 -9.79 16.26 0.81
CA ARG C 67 -10.74 15.32 0.23
C ARG C 67 -11.98 16.09 -0.23
N ALA C 68 -12.48 16.97 0.65
CA ALA C 68 -13.58 17.81 0.25
C ALA C 68 -13.41 18.33 -1.18
N SER C 69 -12.31 19.04 -1.49
CA SER C 69 -12.17 19.83 -2.71
C SER C 69 -11.42 19.08 -3.80
N GLN C 70 -10.77 17.98 -3.39
CA GLN C 70 -10.12 17.02 -4.25
C GLN C 70 -8.84 17.62 -4.83
N TYR C 71 -8.05 18.22 -3.96
CA TYR C 71 -6.68 18.51 -4.38
C TYR C 71 -5.70 17.99 -3.32
N ILE C 72 -4.44 17.83 -3.74
CA ILE C 72 -3.34 17.69 -2.81
C ILE C 72 -2.29 18.72 -3.23
N SER C 73 -1.53 19.21 -2.26
CA SER C 73 -0.52 20.24 -2.42
C SER C 73 0.82 19.75 -1.88
N LEU C 74 1.87 20.43 -2.33
CA LEU C 74 3.20 20.28 -1.79
C LEU C 74 3.79 21.68 -1.68
N LEU C 75 4.28 22.00 -0.50
CA LEU C 75 4.98 23.23 -0.22
C LEU C 75 6.46 22.95 0.13
N ILE C 76 7.35 23.65 -0.55
CA ILE C 76 8.78 23.64 -0.25
C ILE C 76 9.22 25.04 0.18
N ARG C 77 9.66 25.13 1.45
CA ARG C 77 10.37 26.28 2.00
C ARG C 77 11.89 26.18 1.73
N ASP C 78 12.54 27.34 1.60
CA ASP C 78 13.99 27.54 1.52
C ASP C 78 14.56 26.69 0.40
N SER C 79 13.91 26.77 -0.76
CA SER C 79 14.21 25.84 -1.83
C SER C 79 15.71 25.89 -2.18
N LYS C 80 16.26 24.73 -2.58
CA LYS C 80 17.68 24.53 -2.84
C LYS C 80 17.89 24.22 -4.32
N LEU C 81 19.09 24.50 -4.87
CA LEU C 81 19.45 24.04 -6.20
C LEU C 81 19.15 22.54 -6.41
N SER C 82 19.38 21.74 -5.37
CA SER C 82 19.12 20.30 -5.42
C SER C 82 17.63 19.93 -5.38
N ASP C 83 16.71 20.88 -5.60
CA ASP C 83 15.30 20.54 -5.50
C ASP C 83 14.72 20.50 -6.91
N SER C 84 15.47 21.10 -7.86
CA SER C 84 15.14 21.12 -9.26
C SER C 84 14.94 19.67 -9.71
N ALA C 85 13.70 19.39 -10.14
CA ALA C 85 13.27 18.06 -10.60
C ALA C 85 11.81 18.15 -11.03
N THR C 86 11.30 16.98 -11.45
CA THR C 86 9.88 16.85 -11.74
C THR C 86 9.22 16.26 -10.50
N TYR C 87 8.17 16.93 -10.00
CA TYR C 87 7.40 16.37 -8.88
C TYR C 87 6.15 15.64 -9.43
N LEU C 88 5.89 14.40 -8.98
CA LEU C 88 4.73 13.65 -9.43
C LEU C 88 3.69 13.45 -8.32
N CYS C 89 2.42 13.83 -8.57
CA CYS C 89 1.34 13.38 -7.70
C CYS C 89 0.94 11.96 -8.06
N VAL C 90 0.70 11.17 -7.02
CA VAL C 90 0.44 9.77 -7.24
C VAL C 90 -0.73 9.35 -6.36
N VAL C 91 -1.71 8.68 -6.97
CA VAL C 91 -2.85 8.17 -6.23
C VAL C 91 -2.96 6.64 -6.35
N GLN C 92 -3.29 6.05 -5.20
CA GLN C 92 -3.79 4.69 -5.08
C GLN C 92 -5.24 4.84 -4.63
N PRO C 93 -6.20 4.62 -5.55
CA PRO C 93 -7.62 4.69 -5.22
C PRO C 93 -7.99 3.98 -3.92
N GLY C 94 -7.56 2.71 -3.79
CA GLY C 94 -7.78 1.90 -2.60
C GLY C 94 -7.19 0.53 -2.87
N GLY C 95 -7.34 -0.39 -1.91
CA GLY C 95 -6.78 -1.75 -2.03
C GLY C 95 -7.10 -2.40 -3.37
N TYR C 96 -6.06 -3.02 -3.97
CA TYR C 96 -6.20 -3.81 -5.18
C TYR C 96 -6.64 -2.97 -6.38
N GLN C 97 -6.54 -1.63 -6.32
CA GLN C 97 -6.78 -0.78 -7.47
C GLN C 97 -5.50 -0.19 -8.07
N LYS C 98 -5.45 0.06 -9.39
CA LYS C 98 -4.22 0.52 -10.02
C LYS C 98 -3.85 1.92 -9.54
N VAL C 99 -2.54 2.08 -9.33
CA VAL C 99 -1.95 3.37 -9.05
C VAL C 99 -1.76 4.18 -10.33
N THR C 100 -2.12 5.47 -10.31
CA THR C 100 -1.87 6.35 -11.46
C THR C 100 -0.76 7.34 -11.11
N PHE C 101 0.15 7.54 -12.07
CA PHE C 101 1.23 8.52 -11.91
C PHE C 101 0.94 9.76 -12.74
N GLY C 102 1.00 10.94 -12.08
CA GLY C 102 0.80 12.21 -12.75
C GLY C 102 1.87 12.43 -13.81
N THR C 103 1.64 13.33 -14.78
CA THR C 103 2.66 13.60 -15.79
C THR C 103 3.76 14.51 -15.22
N GLY C 104 3.48 15.17 -14.09
CA GLY C 104 4.54 15.79 -13.31
C GLY C 104 4.68 17.30 -13.54
N THR C 105 5.11 18.03 -12.50
CA THR C 105 5.45 19.45 -12.58
C THR C 105 6.97 19.60 -12.51
N LYS C 106 7.57 20.22 -13.52
CA LYS C 106 9.00 20.50 -13.43
C LYS C 106 9.26 21.76 -12.60
N LEU C 107 10.20 21.67 -11.65
CA LEU C 107 10.66 22.81 -10.88
C LEU C 107 12.12 23.13 -11.23
N GLN C 108 12.38 24.39 -11.55
CA GLN C 108 13.75 24.84 -11.69
C GLN C 108 14.09 25.90 -10.63
N VAL C 109 15.07 25.59 -9.76
CA VAL C 109 15.50 26.55 -8.75
C VAL C 109 16.63 27.44 -9.31
N ILE C 110 16.46 28.77 -9.27
CA ILE C 110 17.31 29.71 -9.98
C ILE C 110 18.16 30.49 -9.00
N PRO C 111 19.52 30.40 -9.09
CA PRO C 111 20.39 31.18 -8.19
C PRO C 111 20.39 32.67 -8.57
N ASN C 112 20.55 33.54 -7.58
CA ASN C 112 20.89 34.92 -7.90
C ASN C 112 22.38 35.07 -8.19
N ILE C 113 22.73 35.56 -9.38
CA ILE C 113 24.09 35.99 -9.68
C ILE C 113 24.37 37.35 -9.02
N GLN C 114 25.14 37.38 -7.93
CA GLN C 114 25.44 38.61 -7.20
C GLN C 114 26.14 39.69 -8.04
N ASN C 115 26.96 39.31 -9.05
CA ASN C 115 27.75 40.27 -9.80
C ASN C 115 27.82 39.90 -11.29
N PRO C 116 26.73 40.02 -12.05
CA PRO C 116 26.79 39.72 -13.49
C PRO C 116 28.05 40.26 -14.16
N ASP C 117 28.52 39.52 -15.19
CA ASP C 117 29.65 39.87 -16.04
C ASP C 117 29.49 39.30 -17.44
N PRO C 118 28.36 39.58 -18.14
CA PRO C 118 28.04 38.94 -19.40
C PRO C 118 29.15 39.10 -20.45
N ALA C 119 29.45 37.98 -21.15
CA ALA C 119 30.69 37.75 -21.90
C ALA C 119 30.51 36.60 -22.91
N VAL C 120 31.26 36.68 -24.03
CA VAL C 120 31.38 35.62 -25.02
C VAL C 120 32.87 35.43 -25.33
N TYR C 121 33.42 34.29 -24.89
CA TYR C 121 34.80 33.92 -25.21
C TYR C 121 34.89 33.00 -26.43
N GLN C 122 36.13 32.66 -26.86
CA GLN C 122 36.37 31.64 -27.87
C GLN C 122 37.71 30.93 -27.59
N ARG C 124 39.44 28.26 -28.03
CA ARG C 124 40.49 27.20 -28.12
C ARG C 124 40.08 26.16 -29.14
N ASP C 125 40.92 25.13 -29.32
CA ASP C 125 40.61 24.00 -30.21
C ASP C 125 41.67 22.90 -30.05
N VAL C 133 34.56 26.69 -30.56
CA VAL C 133 33.39 27.02 -29.69
C VAL C 133 33.46 28.44 -29.09
N CYS C 134 32.31 29.12 -29.12
CA CYS C 134 32.05 30.32 -28.33
C CYS C 134 31.30 29.96 -27.03
N LEU C 135 31.77 30.47 -25.89
CA LEU C 135 31.15 30.19 -24.59
C LEU C 135 30.54 31.46 -23.99
N PHE C 136 29.20 31.63 -24.10
CA PHE C 136 28.47 32.71 -23.44
C PHE C 136 28.33 32.45 -21.92
N THR C 137 29.02 33.22 -21.09
CA THR C 137 29.09 32.93 -19.67
C THR C 137 28.76 34.17 -18.81
N ASP C 138 28.50 33.92 -17.52
CA ASP C 138 28.58 34.95 -16.50
C ASP C 138 27.37 35.89 -16.53
N PHE C 139 26.31 35.58 -17.28
CA PHE C 139 25.13 36.44 -17.36
C PHE C 139 24.24 36.22 -16.15
N ASP C 140 23.32 37.15 -15.91
CA ASP C 140 22.35 37.09 -14.83
C ASP C 140 21.25 36.09 -15.20
N SER C 141 20.51 35.66 -14.17
CA SER C 141 19.54 34.57 -14.32
C SER C 141 18.26 34.93 -15.09
N GLN C 142 18.11 36.16 -15.58
CA GLN C 142 16.92 36.63 -16.27
C GLN C 142 17.15 36.52 -17.77
N THR C 143 18.40 36.26 -18.14
CA THR C 143 18.84 36.07 -19.52
C THR C 143 18.41 34.69 -20.00
N ASN C 144 17.86 34.63 -21.21
CA ASN C 144 17.53 33.34 -21.79
C ASN C 144 18.16 33.21 -23.18
N VAL C 145 18.81 32.06 -23.36
CA VAL C 145 19.47 31.65 -24.60
C VAL C 145 18.45 30.97 -25.51
N SER C 146 18.23 31.52 -26.72
CA SER C 146 17.39 30.82 -27.70
C SER C 146 18.28 30.08 -28.70
N GLN C 147 17.67 29.15 -29.49
CA GLN C 147 18.33 28.43 -30.57
C GLN C 147 18.65 29.36 -31.76
N SER C 148 19.62 28.96 -32.62
CA SER C 148 20.04 29.72 -33.82
C SER C 148 19.12 29.46 -35.02
N LYS C 149 19.07 30.45 -35.93
CA LYS C 149 18.18 30.38 -37.10
C LYS C 149 18.82 29.49 -38.18
N ASP C 150 20.06 29.06 -37.91
CA ASP C 150 20.97 28.43 -38.88
C ASP C 150 21.15 26.95 -38.55
N SER C 151 20.63 26.08 -39.42
CA SER C 151 20.60 24.63 -39.23
C SER C 151 21.98 24.03 -38.90
N ASP C 152 23.07 24.73 -39.25
CA ASP C 152 24.40 24.22 -39.00
C ASP C 152 25.03 25.00 -37.87
N VAL C 153 24.19 25.66 -37.05
CA VAL C 153 24.59 26.34 -35.83
C VAL C 153 24.03 25.58 -34.63
N TYR C 154 24.89 25.24 -33.65
CA TYR C 154 24.48 24.43 -32.51
C TYR C 154 24.70 25.17 -31.19
N ILE C 155 23.62 25.37 -30.41
CA ILE C 155 23.70 26.05 -29.13
C ILE C 155 22.92 25.29 -28.03
N THR C 156 23.53 25.11 -26.85
CA THR C 156 22.88 24.49 -25.72
C THR C 156 22.35 25.54 -24.74
N ASP C 157 21.37 25.13 -23.93
CA ASP C 157 20.68 25.98 -22.98
C ASP C 157 21.58 26.32 -21.78
N LYS C 158 21.21 27.42 -21.09
CA LYS C 158 21.85 27.90 -19.86
C LYS C 158 21.99 26.71 -18.94
N CYS C 159 23.20 26.58 -18.38
CA CYS C 159 23.59 25.57 -17.43
C CYS C 159 24.35 26.30 -16.31
N VAL C 160 24.16 25.87 -15.05
CA VAL C 160 24.59 26.53 -13.83
C VAL C 160 25.65 25.68 -13.16
N LEU C 161 26.87 26.23 -12.99
CA LEU C 161 27.90 25.52 -12.22
C LEU C 161 28.18 26.23 -10.90
N ASP C 162 28.32 25.43 -9.84
CA ASP C 162 28.65 25.83 -8.48
C ASP C 162 30.12 25.49 -8.23
N MET C 163 30.95 26.48 -7.86
CA MET C 163 32.30 26.21 -7.37
C MET C 163 32.32 26.16 -5.84
N ARG C 164 31.96 25.00 -5.27
CA ARG C 164 31.59 24.90 -3.87
C ARG C 164 32.61 25.63 -2.96
N SER C 165 33.91 25.59 -3.32
CA SER C 165 35.01 26.13 -2.51
C SER C 165 34.94 27.67 -2.46
N MET C 166 35.02 28.30 -3.64
CA MET C 166 34.92 29.74 -3.78
C MET C 166 33.48 30.23 -3.55
N ASP C 167 32.55 29.34 -3.17
CA ASP C 167 31.15 29.69 -2.92
C ASP C 167 30.58 30.61 -4.01
N PHE C 168 30.73 30.24 -5.29
CA PHE C 168 30.49 31.09 -6.44
C PHE C 168 29.73 30.34 -7.53
N LYS C 169 28.77 31.01 -8.19
CA LYS C 169 27.92 30.31 -9.15
C LYS C 169 27.98 31.05 -10.49
N SER C 170 27.86 30.33 -11.61
CA SER C 170 27.82 31.00 -12.91
C SER C 170 26.93 30.25 -13.89
N ASN C 171 26.42 30.96 -14.88
CA ASN C 171 25.60 30.40 -15.96
C ASN C 171 26.45 30.39 -17.23
N SER C 172 26.28 29.34 -18.04
CA SER C 172 27.08 29.13 -19.24
C SER C 172 26.15 28.60 -20.33
N ALA C 173 26.48 28.92 -21.59
CA ALA C 173 25.76 28.39 -22.75
C ALA C 173 26.75 28.27 -23.89
N VAL C 174 26.79 27.07 -24.50
CA VAL C 174 27.83 26.80 -25.47
C VAL C 174 27.21 26.81 -26.87
N ALA C 175 28.03 27.23 -27.84
CA ALA C 175 27.73 27.40 -29.27
C ALA C 175 28.88 26.83 -30.10
N TRP C 176 28.57 26.21 -31.26
CA TRP C 176 29.62 25.62 -32.05
C TRP C 176 29.21 25.39 -33.50
N SER C 177 30.23 25.41 -34.38
CA SER C 177 30.16 25.00 -35.78
C SER C 177 31.59 24.82 -36.33
N ASN C 186 30.70 34.43 -33.10
CA ASN C 186 29.56 35.35 -32.86
C ASN C 186 28.25 34.66 -33.26
N ALA C 187 27.49 34.20 -32.26
CA ALA C 187 26.56 33.08 -32.40
C ALA C 187 25.18 33.40 -31.82
N PHE C 188 25.11 34.39 -30.91
CA PHE C 188 23.94 34.53 -30.06
C PHE C 188 23.04 35.67 -30.49
N ASN C 189 23.18 36.07 -31.77
CA ASN C 189 22.48 37.20 -32.36
C ASN C 189 20.99 36.89 -32.53
N ASN C 190 20.58 35.67 -32.14
CA ASN C 190 19.16 35.34 -32.10
C ASN C 190 18.65 35.28 -30.65
N SER C 191 19.57 35.51 -29.69
CA SER C 191 19.25 35.50 -28.26
C SER C 191 19.37 36.92 -27.71
N ILE C 192 18.31 37.40 -27.06
CA ILE C 192 18.36 38.70 -26.40
C ILE C 192 19.33 38.61 -25.24
N ILE C 193 20.55 39.07 -25.50
CA ILE C 193 21.62 39.13 -24.50
C ILE C 193 21.79 40.56 -24.00
N PRO C 194 22.32 40.76 -22.77
CA PRO C 194 22.46 42.10 -22.20
C PRO C 194 23.29 43.01 -23.10
N GLU C 195 23.08 44.33 -22.95
CA GLU C 195 23.70 45.32 -23.82
C GLU C 195 25.18 45.52 -23.48
N ASP C 196 25.63 45.11 -22.28
CA ASP C 196 26.99 45.42 -21.83
C ASP C 196 27.91 44.18 -21.92
N THR C 197 27.60 43.25 -22.84
CA THR C 197 28.29 41.97 -22.94
C THR C 197 29.70 42.14 -23.53
N PHE C 198 30.72 41.61 -22.82
CA PHE C 198 32.12 41.64 -23.23
C PHE C 198 32.31 40.83 -24.52
N PHE C 199 33.01 41.41 -25.51
CA PHE C 199 33.30 40.74 -26.77
C PHE C 199 34.76 40.93 -27.16
N PRO C 200 35.74 40.36 -26.42
CA PRO C 200 37.15 40.74 -26.58
C PRO C 200 37.61 40.16 -27.92
N SER C 201 38.71 40.73 -28.47
CA SER C 201 39.37 40.13 -29.63
C SER C 201 40.75 40.77 -29.86
N ALA D 3 19.41 -3.35 0.21
CA ALA D 3 19.65 -2.91 -1.21
C ALA D 3 18.36 -2.30 -1.75
N GLY D 4 17.88 -2.86 -2.87
CA GLY D 4 16.49 -2.69 -3.25
C GLY D 4 16.20 -3.31 -4.62
N VAL D 5 15.64 -2.50 -5.50
CA VAL D 5 15.22 -2.99 -6.79
C VAL D 5 16.38 -2.83 -7.78
N THR D 6 16.80 -3.93 -8.41
CA THR D 6 17.83 -3.92 -9.43
C THR D 6 17.20 -4.27 -10.78
N GLN D 7 17.75 -3.73 -11.86
CA GLN D 7 17.13 -3.84 -13.17
C GLN D 7 18.28 -3.87 -14.18
N THR D 8 18.23 -4.81 -15.12
CA THR D 8 19.37 -5.04 -16.02
C THR D 8 18.82 -5.38 -17.40
N PRO D 9 19.33 -4.81 -18.53
CA PRO D 9 20.45 -3.88 -18.55
C PRO D 9 20.02 -2.42 -18.38
N LYS D 10 20.98 -1.49 -18.27
CA LYS D 10 20.68 -0.08 -18.11
C LYS D 10 20.43 0.56 -19.48
N PHE D 11 21.13 0.07 -20.52
CA PHE D 11 20.92 0.60 -21.88
C PHE D 11 20.87 -0.56 -22.87
N GLN D 12 20.37 -0.29 -24.08
CA GLN D 12 20.14 -1.34 -25.04
C GLN D 12 19.84 -0.74 -26.41
N VAL D 13 20.47 -1.28 -27.47
CA VAL D 13 20.03 -1.00 -28.83
C VAL D 13 19.45 -2.27 -29.48
N LEU D 14 18.58 -2.10 -30.50
CA LEU D 14 17.83 -3.19 -31.11
C LEU D 14 17.37 -2.84 -32.52
N LYS D 15 17.50 -3.81 -33.45
CA LYS D 15 17.02 -3.62 -34.81
C LYS D 15 15.53 -3.97 -34.87
N THR D 16 14.72 -3.10 -35.50
CA THR D 16 13.33 -3.40 -35.80
C THR D 16 13.22 -4.89 -36.14
N GLY D 17 12.41 -5.61 -35.34
CA GLY D 17 12.22 -7.04 -35.54
C GLY D 17 13.00 -7.89 -34.54
N GLN D 18 14.13 -7.36 -34.03
CA GLN D 18 14.90 -8.05 -33.00
C GLN D 18 14.08 -8.20 -31.70
N SER D 19 14.49 -9.16 -30.86
CA SER D 19 13.76 -9.46 -29.64
C SER D 19 14.75 -9.53 -28.49
N MET D 20 14.24 -9.38 -27.26
CA MET D 20 15.09 -9.05 -26.12
C MET D 20 14.22 -9.00 -24.86
N THR D 21 14.82 -9.28 -23.69
CA THR D 21 14.12 -9.36 -22.41
C THR D 21 14.88 -8.62 -21.28
N LEU D 22 14.16 -7.74 -20.57
CA LEU D 22 14.70 -6.95 -19.47
C LEU D 22 14.42 -7.69 -18.18
N GLN D 23 15.37 -7.59 -17.24
CA GLN D 23 15.25 -8.33 -16.00
C GLN D 23 15.11 -7.35 -14.84
N CYS D 24 14.41 -7.79 -13.80
CA CYS D 24 14.36 -6.98 -12.61
C CYS D 24 14.19 -7.91 -11.41
N ALA D 25 14.93 -7.64 -10.33
CA ALA D 25 14.79 -8.37 -9.08
C ALA D 25 14.87 -7.38 -7.91
N GLN D 26 14.36 -7.83 -6.73
CA GLN D 26 14.19 -7.04 -5.52
C GLN D 26 14.35 -7.97 -4.33
N ASP D 27 15.01 -7.46 -3.29
CA ASP D 27 15.38 -8.21 -2.11
C ASP D 27 14.71 -7.59 -0.89
N MET D 28 13.57 -6.94 -1.12
CA MET D 28 12.87 -6.26 -0.05
C MET D 28 11.72 -7.14 0.44
N ASN D 29 11.61 -8.35 -0.18
CA ASN D 29 10.64 -9.36 0.21
C ASN D 29 9.25 -8.88 -0.20
N HIS D 30 9.17 -8.24 -1.37
CA HIS D 30 7.95 -7.58 -1.75
C HIS D 30 7.08 -8.56 -2.54
N ASN D 31 5.75 -8.41 -2.41
CA ASN D 31 4.81 -9.26 -3.12
C ASN D 31 4.56 -8.75 -4.51
N SER D 32 4.18 -7.46 -4.60
CA SER D 32 3.74 -6.89 -5.85
C SER D 32 4.93 -6.28 -6.58
N MET D 33 5.02 -6.52 -7.89
CA MET D 33 6.01 -5.97 -8.80
C MET D 33 5.34 -5.47 -10.10
N TYR D 34 5.99 -4.55 -10.83
CA TYR D 34 5.33 -3.83 -11.90
C TYR D 34 6.35 -3.52 -12.98
N TRP D 35 5.92 -3.40 -14.24
CA TRP D 35 6.76 -2.90 -15.31
C TRP D 35 6.08 -1.71 -15.99
N TYR D 36 6.80 -0.57 -16.11
CA TYR D 36 6.24 0.66 -16.63
C TYR D 36 7.17 1.17 -17.71
N ARG D 37 6.64 1.93 -18.66
CA ARG D 37 7.48 2.66 -19.59
C ARG D 37 7.18 4.18 -19.50
N GLN D 38 8.16 5.00 -19.92
CA GLN D 38 8.08 6.45 -19.75
C GLN D 38 8.34 7.12 -21.10
N ASP D 39 7.53 8.12 -21.43
CA ASP D 39 7.60 8.87 -22.67
C ASP D 39 7.20 10.32 -22.38
N PRO D 40 7.89 11.27 -23.03
CA PRO D 40 7.62 12.70 -22.80
C PRO D 40 6.13 12.93 -23.09
N GLY D 41 5.51 13.77 -22.24
CA GLY D 41 4.20 14.31 -22.54
C GLY D 41 3.13 13.64 -21.70
N MET D 42 3.15 12.30 -21.67
CA MET D 42 2.38 11.50 -20.74
C MET D 42 3.29 11.05 -19.60
N GLY D 43 2.72 10.38 -18.63
CA GLY D 43 3.56 9.99 -17.50
C GLY D 43 4.25 8.63 -17.66
N LEU D 44 4.21 7.89 -16.55
CA LEU D 44 4.47 6.47 -16.57
C LEU D 44 3.21 5.75 -17.04
N ARG D 45 3.40 4.73 -17.89
CA ARG D 45 2.31 3.89 -18.28
C ARG D 45 2.64 2.46 -17.85
N LEU D 46 1.75 1.88 -17.03
CA LEU D 46 1.92 0.51 -16.57
C LEU D 46 1.70 -0.45 -17.75
N ILE D 47 2.67 -1.37 -17.92
CA ILE D 47 2.75 -2.33 -19.01
C ILE D 47 2.05 -3.63 -18.58
N TYR D 48 2.70 -4.40 -17.69
CA TYR D 48 2.07 -5.46 -16.92
C TYR D 48 2.56 -5.35 -15.49
N TYR D 49 1.94 -6.18 -14.62
CA TYR D 49 2.23 -6.12 -13.21
C TYR D 49 2.04 -7.51 -12.64
N SER D 50 2.48 -7.72 -11.41
CA SER D 50 2.39 -9.03 -10.80
C SER D 50 2.12 -8.84 -9.32
N ALA D 51 0.84 -8.75 -9.00
CA ALA D 51 0.40 -8.45 -7.65
C ALA D 51 1.02 -9.37 -6.62
N SER D 52 1.40 -10.61 -7.01
CA SER D 52 1.87 -11.64 -6.09
C SER D 52 2.57 -12.77 -6.84
N GLU D 53 3.38 -13.59 -6.14
CA GLU D 53 4.28 -14.60 -6.74
C GLU D 53 3.60 -15.44 -7.81
N GLY D 54 2.32 -15.79 -7.57
CA GLY D 54 1.57 -16.62 -8.50
C GLY D 54 1.22 -15.89 -9.80
N THR D 55 0.47 -14.80 -9.65
CA THR D 55 -0.30 -14.21 -10.72
C THR D 55 0.47 -13.08 -11.41
N THR D 56 0.11 -12.81 -12.69
CA THR D 56 0.44 -11.61 -13.43
C THR D 56 -0.83 -11.09 -14.10
N ASP D 57 -0.76 -9.91 -14.75
CA ASP D 57 -1.91 -9.30 -15.40
C ASP D 57 -1.52 -8.07 -16.22
N LYS D 58 -2.17 -7.89 -17.37
CA LYS D 58 -1.92 -6.78 -18.29
C LYS D 58 -2.22 -5.48 -17.54
N GLY D 59 -1.50 -4.40 -17.89
CA GLY D 59 -1.77 -3.07 -17.36
C GLY D 59 -2.49 -2.20 -18.38
N GLU D 60 -1.93 -1.05 -18.71
CA GLU D 60 -2.59 -0.16 -19.66
C GLU D 60 -2.07 -0.29 -21.10
N VAL D 61 -0.92 -0.93 -21.32
CA VAL D 61 -0.36 -0.91 -22.67
C VAL D 61 0.45 -2.19 -22.92
N PRO D 62 -0.19 -3.36 -22.78
CA PRO D 62 0.54 -4.63 -22.81
C PRO D 62 0.92 -5.11 -24.20
N ASN D 63 0.24 -4.54 -25.23
CA ASN D 63 0.42 -4.83 -26.64
C ASN D 63 1.89 -4.69 -27.03
N GLY D 64 2.61 -5.82 -27.11
CA GLY D 64 3.96 -5.85 -27.64
C GLY D 64 4.90 -6.54 -26.65
N TYR D 65 4.33 -6.88 -25.48
CA TYR D 65 5.10 -7.22 -24.30
C TYR D 65 4.52 -8.47 -23.65
N ASN D 66 5.37 -9.23 -22.96
CA ASN D 66 4.91 -10.16 -21.94
C ASN D 66 5.86 -10.11 -20.74
N VAL D 67 5.52 -10.86 -19.69
CA VAL D 67 6.24 -10.85 -18.42
C VAL D 67 6.21 -12.26 -17.89
N SER D 68 7.18 -12.62 -17.02
CA SER D 68 7.14 -13.82 -16.21
C SER D 68 7.49 -13.46 -14.79
N ARG D 69 6.58 -13.74 -13.86
CA ARG D 69 6.97 -13.70 -12.47
C ARG D 69 7.72 -14.99 -12.13
N LEU D 70 9.03 -14.97 -12.44
CA LEU D 70 9.95 -16.07 -12.21
C LEU D 70 9.89 -16.57 -10.76
N ASN D 71 9.64 -15.69 -9.79
CA ASN D 71 9.54 -16.09 -8.40
C ASN D 71 9.30 -14.82 -7.57
N LYS D 72 9.28 -14.94 -6.22
CA LYS D 72 8.91 -13.82 -5.38
C LYS D 72 9.88 -12.67 -5.59
N ARG D 73 10.96 -12.92 -6.32
CA ARG D 73 12.12 -12.04 -6.30
C ARG D 73 12.23 -11.30 -7.63
N GLU D 74 12.07 -12.01 -8.75
CA GLU D 74 12.42 -11.49 -10.07
C GLU D 74 11.16 -11.42 -10.91
N PHE D 75 11.23 -10.71 -12.02
CA PHE D 75 10.09 -10.31 -12.83
C PHE D 75 10.73 -9.72 -14.08
N SER D 76 10.39 -10.33 -15.22
CA SER D 76 11.10 -10.08 -16.46
C SER D 76 10.10 -9.65 -17.52
N LEU D 77 10.50 -8.79 -18.46
CA LEU D 77 9.55 -8.27 -19.42
C LEU D 77 10.16 -8.46 -20.80
N ARG D 78 9.44 -9.17 -21.70
CA ARG D 78 10.04 -9.62 -22.95
C ARG D 78 9.49 -8.78 -24.08
N LEU D 79 10.39 -8.42 -25.00
CA LEU D 79 9.98 -7.81 -26.27
C LEU D 79 10.10 -8.87 -27.36
N GLU D 80 8.97 -9.25 -27.98
CA GLU D 80 8.88 -10.35 -28.94
C GLU D 80 9.60 -9.95 -30.22
N SER D 81 9.11 -8.89 -30.88
CA SER D 81 9.87 -8.30 -31.97
C SER D 81 9.85 -6.77 -31.87
N ALA D 82 10.99 -6.20 -31.48
CA ALA D 82 11.10 -4.76 -31.21
C ALA D 82 10.56 -3.90 -32.36
N ALA D 83 9.64 -2.97 -32.05
CA ALA D 83 9.21 -2.00 -33.05
C ALA D 83 9.74 -0.58 -32.73
N PRO D 84 9.81 0.33 -33.72
CA PRO D 84 10.40 1.65 -33.48
C PRO D 84 9.57 2.46 -32.48
N SER D 85 8.36 2.00 -32.17
CA SER D 85 7.52 2.73 -31.24
C SER D 85 7.80 2.26 -29.82
N GLN D 86 8.74 1.31 -29.69
CA GLN D 86 9.03 0.74 -28.39
C GLN D 86 10.26 1.41 -27.77
N THR D 87 10.89 2.34 -28.50
CA THR D 87 11.95 3.14 -27.93
C THR D 87 11.37 4.09 -26.87
N SER D 88 11.99 4.12 -25.68
CA SER D 88 11.38 4.59 -24.45
C SER D 88 12.28 4.29 -23.24
N VAL D 89 11.87 4.72 -22.04
CA VAL D 89 12.54 4.30 -20.81
C VAL D 89 11.64 3.38 -19.99
N TYR D 90 12.15 2.19 -19.69
CA TYR D 90 11.40 1.23 -18.92
C TYR D 90 11.87 1.23 -17.47
N PHE D 91 10.93 1.05 -16.55
CA PHE D 91 11.18 1.01 -15.12
C PHE D 91 10.45 -0.18 -14.53
N CYS D 92 11.20 -0.95 -13.77
CA CYS D 92 10.65 -1.94 -12.88
C CYS D 92 10.37 -1.25 -11.55
N ALA D 93 9.48 -1.84 -10.75
CA ALA D 93 9.19 -1.30 -9.45
C ALA D 93 8.55 -2.42 -8.66
N SER D 94 8.45 -2.26 -7.32
CA SER D 94 7.90 -3.28 -6.46
C SER D 94 7.33 -2.62 -5.21
N SER D 95 6.37 -3.25 -4.56
CA SER D 95 5.82 -2.74 -3.32
C SER D 95 5.47 -3.93 -2.42
N GLU D 96 5.41 -3.69 -1.11
CA GLU D 96 5.00 -4.71 -0.16
C GLU D 96 3.74 -5.42 -0.68
N GLY D 97 2.62 -4.69 -0.88
CA GLY D 97 1.47 -5.30 -1.55
C GLY D 97 0.31 -4.35 -1.90
N LEU D 98 -0.11 -4.35 -3.19
CA LEU D 98 -1.10 -3.38 -3.69
C LEU D 98 -2.45 -3.51 -2.98
N TRP D 99 -2.59 -4.49 -2.10
CA TRP D 99 -3.83 -4.64 -1.35
C TRP D 99 -3.84 -3.73 -0.13
N GLN D 100 -2.65 -3.27 0.30
CA GLN D 100 -2.60 -2.49 1.54
C GLN D 100 -2.78 -1.00 1.23
N VAL D 101 -3.26 -0.26 2.21
CA VAL D 101 -3.26 1.19 2.09
C VAL D 101 -1.84 1.75 2.13
N GLY D 102 -1.61 2.88 1.46
CA GLY D 102 -0.33 3.56 1.50
C GLY D 102 0.86 2.82 0.88
N ASP D 103 0.61 2.02 -0.17
CA ASP D 103 1.57 1.07 -0.71
C ASP D 103 2.56 1.80 -1.59
N GLU D 104 3.65 2.29 -0.99
CA GLU D 104 4.76 2.95 -1.66
C GLU D 104 5.34 2.02 -2.71
N GLN D 105 5.61 2.53 -3.90
CA GLN D 105 6.39 1.76 -4.84
C GLN D 105 7.90 2.12 -4.82
N TYR D 106 8.77 1.12 -5.00
CA TYR D 106 10.20 1.34 -5.07
C TYR D 106 10.70 1.01 -6.48
N PHE D 107 11.31 1.99 -7.13
CA PHE D 107 11.61 1.84 -8.55
C PHE D 107 13.05 1.42 -8.76
N GLY D 108 13.29 0.75 -9.88
CA GLY D 108 14.62 0.41 -10.33
C GLY D 108 15.20 1.57 -11.12
N PRO D 109 16.50 1.54 -11.50
CA PRO D 109 17.17 2.70 -12.09
C PRO D 109 16.75 2.92 -13.52
N GLY D 110 16.07 1.95 -14.14
CA GLY D 110 15.49 2.20 -15.44
C GLY D 110 16.31 1.58 -16.58
N THR D 111 15.72 1.48 -17.77
CA THR D 111 16.44 0.90 -18.88
C THR D 111 16.11 1.73 -20.10
N ARG D 112 17.11 2.33 -20.70
CA ARG D 112 16.83 3.19 -21.84
C ARG D 112 16.98 2.33 -23.09
N LEU D 113 15.97 2.36 -23.99
CA LEU D 113 15.87 1.38 -25.06
C LEU D 113 15.63 2.04 -26.40
N THR D 114 16.61 1.91 -27.30
CA THR D 114 16.40 2.39 -28.65
C THR D 114 16.32 1.21 -29.60
N VAL D 115 15.31 1.30 -30.49
CA VAL D 115 15.11 0.44 -31.64
C VAL D 115 15.35 1.28 -32.89
N THR D 116 16.19 0.77 -33.80
CA THR D 116 16.56 1.52 -35.01
C THR D 116 16.39 0.67 -36.27
N GLU D 117 16.08 1.36 -37.40
CA GLU D 117 15.87 0.77 -38.72
C GLU D 117 17.02 -0.15 -39.16
N ASP D 118 18.25 0.07 -38.64
CA ASP D 118 19.43 -0.73 -38.94
C ASP D 118 20.50 -0.47 -37.87
N LEU D 119 21.39 -1.44 -37.59
CA LEU D 119 22.45 -1.30 -36.60
C LEU D 119 23.64 -0.49 -37.15
N LYS D 120 23.56 -0.15 -38.44
CA LYS D 120 24.54 0.68 -39.10
C LYS D 120 24.30 2.16 -38.73
N ASN D 121 23.28 2.42 -37.91
CA ASN D 121 22.99 3.77 -37.47
C ASN D 121 23.76 4.08 -36.18
N VAL D 122 24.19 3.03 -35.47
CA VAL D 122 24.84 3.18 -34.17
C VAL D 122 26.27 3.68 -34.33
N PHE D 123 26.58 4.81 -33.69
CA PHE D 123 27.92 5.39 -33.75
C PHE D 123 28.42 5.81 -32.38
N PRO D 124 29.75 5.78 -32.14
CA PRO D 124 30.29 6.23 -30.86
C PRO D 124 30.36 7.76 -30.91
N PRO D 125 30.62 8.43 -29.78
CA PRO D 125 30.88 9.87 -29.80
C PRO D 125 32.33 10.21 -30.17
N GLU D 126 32.50 11.12 -31.15
CA GLU D 126 33.73 11.90 -31.21
C GLU D 126 33.74 12.88 -30.02
N VAL D 127 34.89 12.97 -29.31
CA VAL D 127 35.02 13.69 -28.05
C VAL D 127 36.22 14.66 -28.09
N ALA D 128 35.90 15.96 -28.17
CA ALA D 128 36.88 17.03 -28.16
C ALA D 128 36.87 17.78 -26.82
N VAL D 129 38.04 18.13 -26.29
CA VAL D 129 38.13 19.14 -25.24
C VAL D 129 38.53 20.50 -25.86
N PHE D 130 38.10 21.60 -25.25
CA PHE D 130 38.51 22.91 -25.72
C PHE D 130 39.07 23.70 -24.55
N GLU D 131 40.28 24.28 -24.74
CA GLU D 131 41.00 24.92 -23.65
C GLU D 131 40.39 26.30 -23.35
N PRO D 132 40.49 26.77 -22.07
CA PRO D 132 39.97 28.08 -21.68
C PRO D 132 40.50 29.22 -22.55
N SER D 133 39.63 30.19 -22.92
CA SER D 133 39.97 31.42 -23.61
C SER D 133 41.01 32.26 -22.85
N GLU D 134 41.93 32.86 -23.62
CA GLU D 134 42.91 33.79 -23.07
C GLU D 134 42.19 35.01 -22.48
N ALA D 135 41.04 35.38 -23.07
CA ALA D 135 40.27 36.51 -22.57
C ALA D 135 39.74 36.20 -21.17
N GLU D 136 39.03 35.06 -21.02
CA GLU D 136 38.41 34.67 -19.76
C GLU D 136 39.36 34.90 -18.58
N ILE D 137 40.47 34.16 -18.52
CA ILE D 137 41.39 34.24 -17.40
C ILE D 137 41.78 35.70 -17.15
N SER D 138 41.85 36.48 -18.26
CA SER D 138 42.21 37.90 -18.21
C SER D 138 41.20 38.70 -17.36
N HIS D 139 39.90 38.39 -17.51
CA HIS D 139 38.80 39.24 -17.05
C HIS D 139 38.24 38.81 -15.70
N THR D 140 38.36 37.50 -15.37
CA THR D 140 37.60 36.86 -14.30
C THR D 140 38.56 36.29 -13.25
N GLN D 141 39.75 35.88 -13.74
CA GLN D 141 40.76 35.14 -12.98
C GLN D 141 40.22 33.75 -12.65
N LYS D 142 39.68 33.09 -13.68
CA LYS D 142 38.94 31.82 -13.63
C LYS D 142 38.88 31.26 -15.04
N ALA D 143 38.96 29.92 -15.18
CA ALA D 143 39.05 29.31 -16.50
C ALA D 143 38.17 28.08 -16.62
N THR D 144 37.46 28.00 -17.76
CA THR D 144 36.49 26.95 -18.02
C THR D 144 36.86 26.23 -19.32
N LEU D 145 37.11 24.92 -19.18
CA LEU D 145 37.22 24.00 -20.29
C LEU D 145 35.83 23.48 -20.63
N VAL D 146 35.49 23.54 -21.93
CA VAL D 146 34.24 22.95 -22.38
C VAL D 146 34.61 21.65 -23.08
N CYS D 147 33.75 20.62 -22.92
CA CYS D 147 33.91 19.35 -23.61
C CYS D 147 32.72 19.09 -24.53
N LEU D 148 32.94 18.47 -25.69
CA LEU D 148 31.88 18.36 -26.69
C LEU D 148 31.85 16.94 -27.29
N ALA D 149 30.99 16.06 -26.73
CA ALA D 149 30.75 14.72 -27.29
C ALA D 149 29.70 14.77 -28.40
N THR D 150 30.12 14.41 -29.62
CA THR D 150 29.32 14.57 -30.83
C THR D 150 29.26 13.29 -31.69
N GLY D 151 28.20 13.20 -32.51
CA GLY D 151 28.09 12.22 -33.58
C GLY D 151 27.46 10.87 -33.19
N PHE D 152 27.20 10.68 -31.89
CA PHE D 152 26.72 9.40 -31.35
C PHE D 152 25.24 9.12 -31.66
N TYR D 153 24.91 7.82 -31.60
CA TYR D 153 23.56 7.26 -31.59
C TYR D 153 23.68 5.81 -31.12
N PRO D 154 22.92 5.36 -30.09
CA PRO D 154 21.80 6.13 -29.54
C PRO D 154 22.25 7.09 -28.42
N ASP D 155 21.33 7.99 -27.99
CA ASP D 155 21.59 8.99 -26.96
C ASP D 155 21.91 8.36 -25.60
N HIS D 156 22.79 7.35 -25.58
CA HIS D 156 23.11 6.61 -24.36
C HIS D 156 24.56 6.89 -23.97
N VAL D 157 24.80 7.79 -23.01
CA VAL D 157 26.14 8.26 -22.67
C VAL D 157 26.22 8.69 -21.22
N GLU D 158 27.43 8.70 -20.65
CA GLU D 158 27.65 9.21 -19.31
C GLU D 158 28.96 10.01 -19.25
N LEU D 159 28.87 11.34 -19.45
CA LEU D 159 30.02 12.24 -19.42
C LEU D 159 30.48 12.52 -17.98
N SER D 160 31.79 12.48 -17.75
CA SER D 160 32.35 12.88 -16.48
C SER D 160 33.69 13.59 -16.71
N TRP D 161 34.07 14.43 -15.75
CA TRP D 161 35.31 15.17 -15.82
C TRP D 161 36.25 14.50 -14.82
N TRP D 162 37.53 14.38 -15.22
CA TRP D 162 38.54 13.76 -14.36
C TRP D 162 39.74 14.70 -14.16
N VAL D 163 39.95 15.10 -12.89
CA VAL D 163 41.03 16.00 -12.51
C VAL D 163 42.05 15.21 -11.69
N ASN D 164 43.27 15.12 -12.26
CA ASN D 164 44.35 14.25 -11.78
C ASN D 164 43.76 12.90 -11.37
N GLY D 165 43.04 12.28 -12.32
CA GLY D 165 42.51 10.94 -12.17
C GLY D 165 41.56 10.76 -10.99
N LYS D 166 41.17 11.87 -10.32
CA LYS D 166 39.95 11.91 -9.53
C LYS D 166 38.81 12.52 -10.37
N GLU D 167 37.60 11.98 -10.18
CA GLU D 167 36.40 12.51 -10.82
C GLU D 167 35.86 13.70 -10.03
N VAL D 168 35.70 14.82 -10.75
CA VAL D 168 35.27 16.10 -10.17
C VAL D 168 33.74 16.32 -10.29
N HIS D 169 33.13 16.86 -9.22
CA HIS D 169 31.73 17.26 -9.28
C HIS D 169 31.59 18.78 -9.20
N SER D 170 32.40 19.43 -8.35
CA SER D 170 32.39 20.89 -8.27
C SER D 170 32.93 21.51 -9.57
N GLY D 171 32.41 22.68 -9.96
CA GLY D 171 32.87 23.38 -11.14
C GLY D 171 32.26 22.91 -12.47
N VAL D 172 31.30 21.97 -12.46
CA VAL D 172 30.94 21.37 -13.73
C VAL D 172 29.43 21.49 -14.00
N CYS D 173 29.10 21.64 -15.29
CA CYS D 173 27.72 21.64 -15.73
C CYS D 173 27.60 20.89 -17.06
N THR D 174 27.01 19.69 -17.03
CA THR D 174 26.69 18.98 -18.27
C THR D 174 25.24 19.30 -18.65
N ASP D 175 24.95 19.43 -19.96
CA ASP D 175 23.58 19.57 -20.43
C ASP D 175 22.72 18.52 -19.74
N PRO D 176 21.43 18.79 -19.44
CA PRO D 176 20.60 17.84 -18.69
C PRO D 176 20.31 16.61 -19.54
N GLN D 177 20.32 16.78 -20.87
CA GLN D 177 20.17 15.66 -21.79
C GLN D 177 20.77 16.00 -23.16
N PRO D 178 21.15 14.98 -23.97
CA PRO D 178 21.77 15.23 -25.28
C PRO D 178 20.82 15.81 -26.31
N LEU D 179 21.36 16.34 -27.41
CA LEU D 179 20.53 17.04 -28.38
C LEU D 179 20.66 16.42 -29.77
N LYS D 180 19.52 16.37 -30.48
CA LYS D 180 19.45 15.80 -31.81
C LYS D 180 20.13 16.76 -32.79
N GLU D 181 21.40 16.48 -33.14
CA GLU D 181 22.16 17.19 -34.19
C GLU D 181 21.22 17.51 -35.36
N GLN D 182 20.65 16.46 -35.96
CA GLN D 182 19.78 16.59 -37.12
C GLN D 182 18.33 16.49 -36.66
N PRO D 183 17.66 17.62 -36.29
CA PRO D 183 16.35 17.52 -35.63
C PRO D 183 15.27 16.95 -36.55
N ALA D 184 15.58 16.78 -37.83
CA ALA D 184 14.58 16.28 -38.77
C ALA D 184 14.58 14.74 -38.81
N LEU D 185 15.73 14.14 -39.17
CA LEU D 185 15.79 12.74 -39.58
C LEU D 185 15.51 11.80 -38.40
N ASN D 186 14.59 10.84 -38.65
CA ASN D 186 14.15 9.85 -37.67
C ASN D 186 15.33 9.33 -36.86
N ASP D 187 16.42 8.89 -37.52
CA ASP D 187 17.48 8.16 -36.84
C ASP D 187 18.72 9.03 -36.74
N SER D 188 18.55 10.23 -36.14
CA SER D 188 19.56 11.27 -36.07
C SER D 188 20.55 11.11 -34.89
N ARG D 189 21.78 11.58 -35.12
CA ARG D 189 22.91 11.40 -34.21
C ARG D 189 22.95 12.58 -33.25
N TYR D 190 23.45 12.36 -32.02
CA TYR D 190 23.19 13.24 -30.87
C TYR D 190 24.47 13.91 -30.37
N ALA D 191 24.30 15.11 -29.76
CA ALA D 191 25.37 15.92 -29.21
C ALA D 191 25.17 16.24 -27.73
N LEU D 192 26.27 16.26 -26.97
CA LEU D 192 26.26 16.66 -25.56
C LEU D 192 27.46 17.55 -25.23
N SER D 193 27.20 18.71 -24.63
CA SER D 193 28.23 19.62 -24.16
C SER D 193 28.33 19.56 -22.64
N SER D 194 29.55 19.79 -22.12
CA SER D 194 29.79 20.04 -20.70
C SER D 194 30.87 21.12 -20.51
N ARG D 195 31.12 21.49 -19.26
CA ARG D 195 31.96 22.64 -18.95
C ARG D 195 32.54 22.39 -17.56
N LEU D 196 33.84 22.74 -17.40
CA LEU D 196 34.55 22.67 -16.13
C LEU D 196 35.32 23.95 -15.89
N ARG D 197 35.15 24.51 -14.67
CA ARG D 197 35.67 25.82 -14.32
C ARG D 197 36.49 25.74 -13.04
N VAL D 198 37.66 26.39 -13.11
CA VAL D 198 38.67 26.38 -12.05
C VAL D 198 39.26 27.79 -11.97
N SER D 199 40.07 27.98 -10.89
CA SER D 199 41.11 29.00 -10.71
C SER D 199 41.86 29.28 -12.02
N ALA D 200 42.27 30.54 -12.23
CA ALA D 200 43.26 30.81 -13.28
C ALA D 200 44.59 30.17 -12.88
N THR D 201 44.92 30.22 -11.57
CA THR D 201 46.16 29.64 -11.06
C THR D 201 46.18 28.12 -11.27
N PHE D 202 45.02 27.47 -11.05
CA PHE D 202 44.88 26.02 -11.07
C PHE D 202 44.94 25.51 -12.50
N TRP D 203 44.47 26.32 -13.46
CA TRP D 203 44.69 25.95 -14.84
C TRP D 203 46.15 26.12 -15.21
N GLN D 204 46.80 27.17 -14.68
CA GLN D 204 48.08 27.57 -15.26
C GLN D 204 49.16 26.53 -14.92
N ASN D 205 49.18 26.12 -13.64
CA ASN D 205 49.93 24.97 -13.12
C ASN D 205 50.02 23.85 -14.16
N PRO D 206 51.25 23.45 -14.57
CA PRO D 206 51.40 22.57 -15.73
C PRO D 206 51.31 21.10 -15.33
N ARG D 207 51.40 20.86 -13.99
CA ARG D 207 51.34 19.53 -13.41
C ARG D 207 49.95 18.89 -13.52
N ASN D 208 48.90 19.74 -13.64
CA ASN D 208 47.50 19.42 -13.41
C ASN D 208 46.84 18.82 -14.67
N HIS D 209 46.09 17.73 -14.43
CA HIS D 209 45.61 16.77 -15.44
C HIS D 209 44.08 16.79 -15.57
N PHE D 210 43.60 17.05 -16.80
CA PHE D 210 42.20 17.26 -17.09
C PHE D 210 41.73 16.28 -18.16
N ARG D 211 40.70 15.50 -17.81
CA ARG D 211 40.12 14.50 -18.69
C ARG D 211 38.59 14.62 -18.67
N CYS D 212 38.04 14.90 -19.88
CA CYS D 212 36.65 14.62 -20.27
C CYS D 212 36.47 13.17 -20.81
N GLN D 213 36.01 12.30 -19.90
CA GLN D 213 35.63 10.91 -20.15
C GLN D 213 34.11 10.72 -20.36
N VAL D 214 33.71 10.17 -21.52
CA VAL D 214 32.31 9.81 -21.80
C VAL D 214 32.12 8.32 -22.11
N GLN D 215 31.28 7.64 -21.31
CA GLN D 215 30.93 6.22 -21.46
C GLN D 215 29.84 6.10 -22.50
N PHE D 216 30.15 5.44 -23.63
CA PHE D 216 29.11 5.11 -24.59
C PHE D 216 28.61 3.71 -24.29
N TYR D 217 27.31 3.49 -24.56
CA TYR D 217 26.67 2.17 -24.61
C TYR D 217 26.21 1.91 -26.04
N GLY D 218 26.76 0.82 -26.62
CA GLY D 218 26.55 0.45 -28.01
C GLY D 218 26.15 -1.02 -28.20
N LEU D 219 26.89 -1.71 -29.08
CA LEU D 219 26.69 -3.09 -29.46
C LEU D 219 27.38 -4.03 -28.44
N SER D 220 26.86 -5.27 -28.34
CA SER D 220 27.31 -6.27 -27.39
C SER D 220 28.42 -7.11 -28.00
N GLU D 221 29.11 -7.88 -27.13
CA GLU D 221 30.03 -8.96 -27.50
C GLU D 221 29.36 -10.00 -28.42
N ASN D 222 28.02 -9.91 -28.57
CA ASN D 222 27.25 -10.86 -29.36
C ASN D 222 26.60 -10.16 -30.55
N ASP D 223 26.67 -8.83 -30.63
CA ASP D 223 25.96 -8.17 -31.74
C ASP D 223 26.82 -8.28 -32.99
N GLU D 224 26.22 -8.48 -34.16
CA GLU D 224 27.02 -8.91 -35.30
C GLU D 224 27.35 -7.72 -36.19
N TRP D 225 28.64 -7.35 -36.19
CA TRP D 225 29.14 -6.20 -36.92
C TRP D 225 29.84 -6.67 -38.21
N THR D 226 29.36 -6.25 -39.38
CA THR D 226 29.90 -6.76 -40.64
C THR D 226 30.43 -5.66 -41.56
N GLN D 227 30.28 -4.39 -41.16
CA GLN D 227 30.65 -3.28 -42.02
C GLN D 227 32.05 -2.78 -41.60
N ASP D 228 32.68 -1.90 -42.40
CA ASP D 228 34.14 -1.72 -42.38
C ASP D 228 34.63 -0.87 -41.19
N ARG D 229 33.92 0.24 -40.91
CA ARG D 229 34.24 1.13 -39.80
C ARG D 229 34.27 0.31 -38.51
N ALA D 230 34.87 0.85 -37.45
CA ALA D 230 35.03 0.08 -36.23
C ALA D 230 33.67 -0.22 -35.57
N LYS D 231 33.64 -1.29 -34.76
CA LYS D 231 32.40 -1.86 -34.27
C LYS D 231 31.86 -1.01 -33.13
N PRO D 232 30.69 -0.34 -33.33
CA PRO D 232 30.19 0.64 -32.36
C PRO D 232 29.80 -0.01 -31.04
N VAL D 233 30.81 -0.58 -30.37
CA VAL D 233 30.65 -1.33 -29.14
C VAL D 233 30.62 -0.37 -27.93
N THR D 234 30.22 -0.92 -26.78
CA THR D 234 30.24 -0.27 -25.47
C THR D 234 31.69 0.03 -25.08
N GLN D 235 32.04 1.31 -25.09
CA GLN D 235 33.42 1.77 -24.96
C GLN D 235 33.46 3.13 -24.27
N ILE D 236 34.67 3.56 -23.93
CA ILE D 236 34.93 4.91 -23.44
C ILE D 236 35.68 5.66 -24.54
N VAL D 237 35.27 6.89 -24.85
CA VAL D 237 36.01 7.85 -25.64
C VAL D 237 36.33 9.03 -24.74
N SER D 238 37.62 9.36 -24.65
CA SER D 238 38.13 10.37 -23.74
C SER D 238 38.86 11.45 -24.55
N ALA D 239 38.93 12.68 -24.00
CA ALA D 239 39.76 13.74 -24.55
C ALA D 239 40.46 14.46 -23.40
N GLU D 240 41.72 14.86 -23.61
CA GLU D 240 42.52 15.27 -22.46
C GLU D 240 43.26 16.56 -22.78
N ALA D 241 43.82 17.17 -21.71
CA ALA D 241 44.55 18.43 -21.78
C ALA D 241 45.33 18.71 -20.48
N TRP D 242 46.43 19.46 -20.64
CA TRP D 242 47.35 19.83 -19.57
C TRP D 242 47.36 21.36 -19.46
N GLY D 243 47.61 21.84 -18.23
CA GLY D 243 47.82 23.26 -17.95
C GLY D 243 48.86 23.96 -18.84
N ARG D 244 48.41 25.00 -19.59
CA ARG D 244 49.22 25.91 -20.38
C ARG D 244 49.52 27.20 -19.59
N ALA D 245 50.24 28.14 -20.24
CA ALA D 245 50.53 29.46 -19.69
C ALA D 245 50.35 30.55 -20.75
N ASP D 246 50.85 30.29 -21.98
CA ASP D 246 50.80 31.17 -23.16
C ASP D 246 51.06 32.66 -22.81
N HIS E 1 -20.25 -1.91 5.61
CA HIS E 1 -19.21 -1.30 4.68
C HIS E 1 -17.83 -1.35 5.34
N MET E 2 -16.89 -2.06 4.68
CA MET E 2 -15.58 -2.40 5.22
C MET E 2 -14.61 -1.26 4.95
N THR E 3 -13.62 -1.07 5.80
CA THR E 3 -12.61 -0.07 5.56
C THR E 3 -11.71 -0.48 4.39
N GLU E 4 -10.91 0.48 3.92
CA GLU E 4 -9.81 0.25 3.01
C GLU E 4 -8.53 0.34 3.82
N VAL E 5 -8.68 0.55 5.13
CA VAL E 5 -7.47 0.84 5.91
C VAL E 5 -6.96 -0.44 6.55
N VAL E 6 -6.13 -1.17 5.81
CA VAL E 6 -5.44 -2.36 6.27
C VAL E 6 -3.99 -2.23 5.83
N ARG E 7 -3.10 -2.49 6.78
CA ARG E 7 -1.69 -2.17 6.63
C ARG E 7 -0.88 -3.31 7.21
N HIS E 8 0.10 -3.77 6.42
CA HIS E 8 0.99 -4.85 6.80
C HIS E 8 1.54 -4.52 8.17
N CYS E 9 1.23 -5.38 9.13
CA CYS E 9 1.88 -5.31 10.43
C CYS E 9 3.41 -5.61 10.33
#